data_5GXF
#
_entry.id   5GXF
#
_cell.length_a   91.841
_cell.length_b   111.218
_cell.length_c   75.241
_cell.angle_alpha   90.00
_cell.angle_beta   90.00
_cell.angle_gamma   90.00
#
_symmetry.space_group_name_H-M   'P 21 21 2'
#
loop_
_entity.id
_entity.type
_entity.pdbx_description
1 polymer 'Acrylyl-CoA reductase AcuI'
2 non-polymer 'BROMIDE ION'
3 water water
#
_entity_poly.entity_id   1
_entity_poly.type   'polypeptide(L)'
_entity_poly.pdbx_seq_one_letter_code
;MFNALVVDKDEESGKTQAAVKQLSLTDLPVGEVTVAVEYSTVNYKDGLCIGPGGGLVRKYPHVPGIDFAGTVENSSDERY
KPGDKVVLTGWRVGEAHWGGYSQKANVRADWLVPLPEGLDTRQAMAVGTAGFTAMLAVMALEDHGLTPGHGPVLVTGAAG
GVGSVATAILAHLGYEVAAVTGRPETADYLTSLGATQIVARDEINETVKRPLESEIWAGCVDAVGGAMLARVLGQMKYGA
SVAAVGLAGGAGLPATVIPFLLRGVNLLGIDSVMQPYANRLRAWERIARDLPMDKLEAMIRPATLSDLPGLGADILKGQV
QGRVVVDVNA
;
_entity_poly.pdbx_strand_id   A,B
#
loop_
_chem_comp.id
_chem_comp.type
_chem_comp.name
_chem_comp.formula
BR non-polymer 'BROMIDE ION' 'Br -1'
#
# COMPACT_ATOMS: atom_id res chain seq x y z
N MET A 1 -31.46 -33.07 18.64
CA MET A 1 -31.29 -31.63 18.83
C MET A 1 -29.88 -31.32 19.38
N PHE A 2 -29.45 -30.06 19.27
CA PHE A 2 -28.07 -29.73 19.56
C PHE A 2 -27.99 -28.27 20.01
N ASN A 3 -26.85 -27.93 20.59
CA ASN A 3 -26.62 -26.63 21.22
C ASN A 3 -25.98 -25.65 20.24
N ALA A 4 -26.35 -24.38 20.40
CA ALA A 4 -25.78 -23.31 19.62
C ALA A 4 -26.00 -22.01 20.38
N LEU A 5 -25.13 -21.03 20.10
CA LEU A 5 -25.28 -19.69 20.65
C LEU A 5 -26.13 -18.90 19.68
N VAL A 6 -27.29 -18.43 20.14
CA VAL A 6 -28.20 -17.62 19.33
C VAL A 6 -28.18 -16.19 19.86
N VAL A 7 -28.13 -15.22 18.95
CA VAL A 7 -28.26 -13.82 19.31
C VAL A 7 -29.62 -13.36 18.82
N ASP A 8 -30.42 -12.83 19.75
CA ASP A 8 -31.70 -12.20 19.48
C ASP A 8 -31.55 -10.68 19.51
N LYS A 9 -32.33 -10.00 18.69
CA LYS A 9 -32.33 -8.55 18.65
C LYS A 9 -33.72 -8.04 18.98
N ASP A 10 -33.77 -6.98 19.77
CA ASP A 10 -34.99 -6.29 20.14
C ASP A 10 -35.03 -5.00 19.30
N GLU A 11 -35.52 -5.13 18.07
CA GLU A 11 -35.40 -4.06 17.05
C GLU A 11 -36.03 -2.75 17.49
N GLU A 12 -36.93 -2.78 18.49
CA GLU A 12 -37.49 -1.55 19.04
C GLU A 12 -36.41 -0.73 19.73
N SER A 13 -35.83 -1.26 20.80
CA SER A 13 -34.69 -0.61 21.42
C SER A 13 -33.41 -0.82 20.62
N GLY A 14 -33.33 -1.93 19.87
CA GLY A 14 -32.15 -2.25 19.08
C GLY A 14 -31.08 -3.02 19.82
N LYS A 15 -31.35 -3.45 21.04
CA LYS A 15 -30.36 -4.15 21.86
C LYS A 15 -30.50 -5.65 21.71
N THR A 16 -29.38 -6.34 21.89
CA THR A 16 -29.28 -7.76 21.57
C THR A 16 -29.04 -8.56 22.84
N GLN A 17 -29.24 -9.86 22.74
CA GLN A 17 -28.88 -10.75 23.83
C GLN A 17 -28.44 -12.07 23.23
N ALA A 18 -27.42 -12.66 23.84
CA ALA A 18 -26.83 -13.89 23.36
C ALA A 18 -27.02 -14.98 24.42
N ALA A 19 -27.42 -16.17 23.97
CA ALA A 19 -27.59 -17.28 24.91
C ALA A 19 -27.49 -18.60 24.18
N VAL A 20 -27.08 -19.63 24.93
CA VAL A 20 -27.08 -20.98 24.40
C VAL A 20 -28.51 -21.47 24.26
N LYS A 21 -28.82 -22.08 23.12
CA LYS A 21 -30.14 -22.59 22.84
C LYS A 21 -30.02 -23.95 22.16
N GLN A 22 -31.09 -24.73 22.23
CA GLN A 22 -31.14 -26.04 21.61
C GLN A 22 -31.81 -25.87 20.25
N LEU A 23 -31.12 -26.29 19.19
CA LEU A 23 -31.69 -26.24 17.86
C LEU A 23 -31.96 -27.65 17.35
N SER A 24 -32.76 -27.73 16.29
CA SER A 24 -32.84 -28.92 15.48
C SER A 24 -32.17 -28.66 14.13
N LEU A 25 -31.85 -29.76 13.45
CA LEU A 25 -31.22 -29.66 12.14
C LEU A 25 -32.03 -28.75 11.22
N THR A 26 -33.36 -28.83 11.30
CA THR A 26 -34.23 -28.06 10.41
C THR A 26 -34.22 -26.57 10.71
N ASP A 27 -33.73 -26.15 11.88
CA ASP A 27 -33.57 -24.72 12.11
C ASP A 27 -32.39 -24.13 11.36
N LEU A 28 -31.39 -24.94 11.03
CA LEU A 28 -30.26 -24.44 10.28
C LEU A 28 -30.70 -24.06 8.85
N PRO A 29 -30.06 -23.07 8.26
CA PRO A 29 -30.31 -22.78 6.85
C PRO A 29 -29.89 -23.95 5.98
N VAL A 30 -30.60 -24.14 4.87
CA VAL A 30 -30.26 -25.22 3.96
C VAL A 30 -28.85 -24.98 3.38
N GLY A 31 -28.14 -26.07 3.11
CA GLY A 31 -26.84 -25.95 2.47
C GLY A 31 -26.36 -27.29 1.94
N GLU A 32 -25.26 -27.23 1.19
CA GLU A 32 -24.73 -28.42 0.53
C GLU A 32 -24.07 -29.38 1.52
N VAL A 33 -23.36 -28.86 2.51
CA VAL A 33 -22.57 -29.68 3.43
C VAL A 33 -23.02 -29.39 4.86
N THR A 34 -23.25 -30.43 5.62
CA THR A 34 -23.54 -30.32 7.03
C THR A 34 -22.30 -30.80 7.77
N VAL A 35 -21.77 -29.98 8.66
CA VAL A 35 -20.59 -30.36 9.42
C VAL A 35 -20.96 -30.53 10.87
N ALA A 36 -20.50 -31.63 11.47
CA ALA A 36 -20.53 -31.78 12.93
C ALA A 36 -19.36 -30.98 13.50
N VAL A 37 -19.64 -29.74 13.90
CA VAL A 37 -18.57 -28.86 14.34
C VAL A 37 -17.93 -29.45 15.57
N GLU A 38 -16.59 -29.40 15.61
CA GLU A 38 -15.81 -29.80 16.78
C GLU A 38 -15.22 -28.62 17.54
N TYR A 39 -14.76 -27.59 16.83
CA TYR A 39 -14.14 -26.45 17.49
C TYR A 39 -14.49 -25.19 16.73
N SER A 40 -14.51 -24.09 17.47
CA SER A 40 -14.52 -22.77 16.89
C SER A 40 -13.55 -21.91 17.71
N THR A 41 -13.68 -20.60 17.60
CA THR A 41 -12.76 -19.67 18.25
C THR A 41 -13.43 -18.31 18.32
N VAL A 42 -12.73 -17.33 18.89
CA VAL A 42 -13.24 -15.99 19.07
C VAL A 42 -12.26 -15.03 18.42
N ASN A 43 -12.68 -14.44 17.31
CA ASN A 43 -12.03 -13.34 16.60
C ASN A 43 -12.65 -12.00 17.01
N TYR A 44 -11.90 -10.93 16.77
CA TYR A 44 -12.41 -9.59 17.04
C TYR A 44 -13.81 -9.40 16.43
N LYS A 45 -14.00 -9.82 15.18
CA LYS A 45 -15.30 -9.67 14.53
C LYS A 45 -16.39 -10.50 15.21
N ASP A 46 -16.05 -11.70 15.70
CA ASP A 46 -17.02 -12.49 16.43
C ASP A 46 -17.55 -11.70 17.63
N GLY A 47 -16.66 -10.93 18.29
CA GLY A 47 -17.11 -10.08 19.39
C GLY A 47 -18.19 -9.09 18.96
N LEU A 48 -18.04 -8.51 17.76
CA LEU A 48 -19.08 -7.64 17.21
C LEU A 48 -20.37 -8.43 16.97
N CYS A 49 -20.28 -9.55 16.26
CA CYS A 49 -21.46 -10.33 15.93
C CYS A 49 -22.08 -10.99 17.16
N ILE A 50 -21.31 -11.21 18.23
CA ILE A 50 -21.89 -11.75 19.46
C ILE A 50 -22.73 -10.68 20.15
N GLY A 51 -22.25 -9.44 20.15
CA GLY A 51 -22.88 -8.36 20.87
C GLY A 51 -23.64 -7.41 19.97
N PRO A 52 -23.16 -6.16 19.88
CA PRO A 52 -23.97 -5.11 19.22
C PRO A 52 -24.23 -5.36 17.75
N GLY A 53 -23.35 -6.10 17.06
CA GLY A 53 -23.51 -6.40 15.66
C GLY A 53 -22.59 -5.62 14.75
N GLY A 54 -22.25 -4.38 15.13
CA GLY A 54 -21.30 -3.58 14.39
C GLY A 54 -21.63 -3.43 12.93
N GLY A 55 -22.92 -3.40 12.59
CA GLY A 55 -23.34 -3.34 11.20
C GLY A 55 -23.07 -4.57 10.38
N LEU A 56 -22.61 -5.67 11.00
CA LEU A 56 -22.20 -6.87 10.29
C LEU A 56 -23.29 -7.92 10.18
N VAL A 57 -24.33 -7.83 11.01
CA VAL A 57 -25.40 -8.82 11.06
C VAL A 57 -26.67 -8.16 10.58
N ARG A 58 -27.31 -8.74 9.58
CA ARG A 58 -28.50 -8.11 9.05
C ARG A 58 -29.76 -8.96 9.20
N LYS A 59 -29.68 -10.07 9.92
CA LYS A 59 -30.88 -10.86 10.13
C LYS A 59 -30.73 -11.61 11.44
N TYR A 60 -31.65 -11.32 12.37
CA TYR A 60 -31.74 -12.01 13.65
C TYR A 60 -33.01 -12.88 13.66
N PRO A 61 -33.01 -14.00 14.41
CA PRO A 61 -31.94 -14.52 15.27
C PRO A 61 -30.69 -14.98 14.49
N HIS A 62 -29.52 -14.98 15.12
CA HIS A 62 -28.29 -15.18 14.39
C HIS A 62 -27.37 -16.08 15.19
N VAL A 63 -26.86 -17.14 14.55
CA VAL A 63 -25.79 -17.95 15.11
C VAL A 63 -24.46 -17.39 14.61
N PRO A 64 -23.67 -16.74 15.45
CA PRO A 64 -22.38 -16.16 14.98
C PRO A 64 -21.27 -17.18 14.91
N GLY A 65 -20.05 -16.71 14.66
CA GLY A 65 -18.89 -17.58 14.58
C GLY A 65 -18.33 -17.71 13.17
N ILE A 66 -17.37 -16.86 12.83
CA ILE A 66 -16.85 -16.82 11.46
C ILE A 66 -15.99 -18.04 11.12
N ASP A 67 -15.57 -18.81 12.12
CA ASP A 67 -14.75 -19.99 11.89
C ASP A 67 -15.41 -21.21 12.51
N PHE A 68 -15.08 -22.37 11.95
CA PHE A 68 -15.25 -23.65 12.64
C PHE A 68 -14.42 -24.69 11.91
N ALA A 69 -14.19 -25.80 12.58
CA ALA A 69 -13.61 -27.00 12.00
C ALA A 69 -14.34 -28.23 12.55
N GLY A 70 -14.37 -29.30 11.75
CA GLY A 70 -15.00 -30.53 12.22
C GLY A 70 -15.06 -31.59 11.14
N THR A 71 -16.09 -32.42 11.23
CA THR A 71 -16.24 -33.60 10.38
C THR A 71 -17.54 -33.52 9.58
N VAL A 72 -17.42 -33.73 8.26
CA VAL A 72 -18.60 -33.71 7.41
C VAL A 72 -19.57 -34.80 7.84
N GLU A 73 -20.81 -34.39 8.05
CA GLU A 73 -21.87 -35.31 8.44
C GLU A 73 -22.69 -35.76 7.25
N ASN A 74 -23.00 -34.85 6.33
CA ASN A 74 -23.64 -35.19 5.06
C ASN A 74 -23.27 -34.15 4.02
N SER A 75 -23.29 -34.57 2.75
CA SER A 75 -22.80 -33.73 1.67
C SER A 75 -23.45 -34.10 0.34
N SER A 76 -24.00 -33.10 -0.33
CA SER A 76 -24.55 -33.25 -1.67
C SER A 76 -23.58 -32.78 -2.73
N ASP A 77 -22.37 -32.42 -2.34
CA ASP A 77 -21.31 -32.02 -3.26
C ASP A 77 -20.22 -33.07 -3.24
N GLU A 78 -19.75 -33.44 -4.42
CA GLU A 78 -18.78 -34.53 -4.59
C GLU A 78 -17.43 -34.27 -3.93
N ARG A 79 -17.12 -33.01 -3.57
CA ARG A 79 -15.82 -32.71 -2.98
C ARG A 79 -15.69 -33.27 -1.56
N TYR A 80 -16.81 -33.43 -0.84
CA TYR A 80 -16.77 -33.88 0.54
C TYR A 80 -17.79 -35.00 0.76
N LYS A 81 -17.44 -35.90 1.67
CA LYS A 81 -18.27 -37.03 2.02
C LYS A 81 -18.25 -37.22 3.54
N PRO A 82 -19.22 -37.95 4.09
CA PRO A 82 -19.22 -38.21 5.53
C PRO A 82 -17.85 -38.69 6.00
N GLY A 83 -17.38 -38.12 7.11
CA GLY A 83 -16.08 -38.46 7.67
C GLY A 83 -14.95 -37.51 7.32
N ASP A 84 -15.07 -36.72 6.25
CA ASP A 84 -13.98 -35.79 5.90
C ASP A 84 -13.84 -34.70 6.95
N LYS A 85 -12.61 -34.52 7.45
CA LYS A 85 -12.29 -33.40 8.34
C LYS A 85 -12.13 -32.14 7.50
N VAL A 86 -12.82 -31.07 7.89
CA VAL A 86 -12.86 -29.84 7.09
C VAL A 86 -12.68 -28.63 8.00
N VAL A 87 -12.24 -27.52 7.37
CA VAL A 87 -12.04 -26.25 8.05
C VAL A 87 -12.81 -25.15 7.33
N LEU A 88 -13.49 -24.31 8.11
CA LEU A 88 -14.19 -23.13 7.60
C LEU A 88 -13.60 -21.89 8.25
N THR A 89 -13.15 -20.94 7.42
CA THR A 89 -12.89 -19.57 7.88
C THR A 89 -13.51 -18.62 6.87
N GLY A 90 -14.20 -17.60 7.36
CA GLY A 90 -14.60 -16.50 6.50
C GLY A 90 -15.78 -16.80 5.59
N TRP A 91 -15.71 -16.30 4.36
CA TRP A 91 -16.80 -16.35 3.37
C TRP A 91 -18.10 -15.73 3.87
N ARG A 92 -18.01 -14.87 4.90
CA ARG A 92 -19.12 -14.16 5.55
C ARG A 92 -19.95 -15.08 6.45
N VAL A 93 -19.55 -16.34 6.62
CA VAL A 93 -20.11 -17.17 7.69
C VAL A 93 -19.91 -16.44 9.01
N GLY A 94 -20.91 -16.54 9.88
CA GLY A 94 -20.90 -15.82 11.14
C GLY A 94 -21.32 -14.37 11.02
N GLU A 95 -21.59 -13.90 9.80
CA GLU A 95 -22.00 -12.52 9.56
C GLU A 95 -23.30 -12.53 8.78
N ALA A 96 -23.20 -12.91 7.49
CA ALA A 96 -24.36 -13.05 6.63
C ALA A 96 -25.05 -14.40 6.81
N HIS A 97 -24.37 -15.37 7.39
CA HIS A 97 -24.86 -16.74 7.49
C HIS A 97 -24.56 -17.29 8.87
N TRP A 98 -25.47 -18.13 9.36
CA TRP A 98 -25.26 -18.81 10.63
C TRP A 98 -23.90 -19.51 10.66
N GLY A 99 -23.28 -19.52 11.84
CA GLY A 99 -21.86 -19.81 11.88
C GLY A 99 -21.43 -20.99 12.74
N GLY A 100 -20.21 -20.90 13.28
CA GLY A 100 -19.55 -21.98 13.97
C GLY A 100 -19.89 -22.13 15.42
N TYR A 101 -20.71 -21.24 15.99
CA TYR A 101 -21.07 -21.30 17.41
C TYR A 101 -22.25 -22.27 17.60
N SER A 102 -22.03 -23.49 17.14
CA SER A 102 -23.08 -24.49 17.06
C SER A 102 -22.41 -25.84 16.96
N GLN A 103 -23.12 -26.88 17.43
CA GLN A 103 -22.62 -28.24 17.23
C GLN A 103 -22.71 -28.66 15.77
N LYS A 104 -23.57 -28.02 14.97
CA LYS A 104 -23.75 -28.37 13.57
C LYS A 104 -23.86 -27.13 12.71
N ALA A 105 -23.27 -27.17 11.51
CA ALA A 105 -23.27 -26.03 10.61
C ALA A 105 -23.45 -26.47 9.16
N ASN A 106 -24.24 -25.71 8.41
CA ASN A 106 -24.44 -25.96 6.98
C ASN A 106 -23.74 -24.89 6.18
N VAL A 107 -23.01 -25.31 5.15
CA VAL A 107 -22.21 -24.40 4.34
C VAL A 107 -22.25 -24.85 2.89
N ARG A 108 -21.85 -23.94 2.01
CA ARG A 108 -21.52 -24.31 0.65
C ARG A 108 -20.20 -25.07 0.64
N ALA A 109 -20.10 -26.05 -0.27
CA ALA A 109 -18.83 -26.77 -0.39
C ALA A 109 -17.72 -25.83 -0.83
N ASP A 110 -18.06 -24.74 -1.52
CA ASP A 110 -17.06 -23.77 -1.96
C ASP A 110 -16.35 -23.09 -0.80
N TRP A 111 -16.99 -23.04 0.37
CA TRP A 111 -16.44 -22.31 1.50
C TRP A 111 -15.45 -23.11 2.32
N LEU A 112 -15.42 -24.42 2.14
CA LEU A 112 -14.62 -25.32 2.97
C LEU A 112 -13.22 -25.50 2.40
N VAL A 113 -12.32 -25.92 3.26
CA VAL A 113 -11.02 -26.43 2.83
C VAL A 113 -10.81 -27.75 3.57
N PRO A 114 -10.14 -28.73 2.97
CA PRO A 114 -9.76 -29.93 3.72
C PRO A 114 -8.88 -29.55 4.91
N LEU A 115 -9.03 -30.31 5.99
CA LEU A 115 -8.14 -30.11 7.13
C LEU A 115 -6.70 -30.25 6.66
N PRO A 116 -5.84 -29.28 6.92
CA PRO A 116 -4.48 -29.33 6.37
C PRO A 116 -3.61 -30.36 7.07
N GLU A 117 -2.70 -30.96 6.30
CA GLU A 117 -1.72 -31.88 6.86
C GLU A 117 -0.95 -31.24 7.99
N GLY A 118 -0.93 -31.91 9.14
CA GLY A 118 -0.16 -31.45 10.28
C GLY A 118 -0.95 -30.71 11.34
N LEU A 119 -2.24 -30.49 11.14
CA LEU A 119 -3.11 -29.84 12.11
C LEU A 119 -4.30 -30.75 12.39
N ASP A 120 -4.66 -30.90 13.66
CA ASP A 120 -5.99 -31.46 13.89
C ASP A 120 -7.03 -30.32 13.91
N THR A 121 -8.29 -30.67 14.13
CA THR A 121 -9.33 -29.66 14.06
C THR A 121 -9.18 -28.63 15.18
N ARG A 122 -8.71 -29.06 16.35
CA ARG A 122 -8.48 -28.13 17.45
C ARG A 122 -7.39 -27.12 17.10
N GLN A 123 -6.26 -27.60 16.57
CA GLN A 123 -5.19 -26.67 16.20
C GLN A 123 -5.61 -25.74 15.07
N ALA A 124 -6.47 -26.20 14.16
CA ALA A 124 -6.92 -25.33 13.07
C ALA A 124 -7.68 -24.13 13.63
N MET A 125 -8.47 -24.33 14.68
CA MET A 125 -9.20 -23.21 15.26
C MET A 125 -8.35 -22.40 16.23
N ALA A 126 -7.40 -23.03 16.94
CA ALA A 126 -6.44 -22.23 17.68
C ALA A 126 -5.75 -21.24 16.75
N VAL A 127 -5.55 -21.63 15.49
CA VAL A 127 -5.07 -20.69 14.47
C VAL A 127 -6.21 -19.76 14.05
N GLY A 128 -7.29 -20.32 13.51
CA GLY A 128 -8.48 -19.52 13.24
C GLY A 128 -8.26 -18.43 12.18
N THR A 129 -9.30 -17.61 12.01
CA THR A 129 -9.19 -16.49 11.08
C THR A 129 -8.01 -15.61 11.44
N ALA A 130 -7.82 -15.35 12.74
CA ALA A 130 -6.73 -14.52 13.22
C ALA A 130 -5.39 -15.03 12.74
N GLY A 131 -5.11 -16.32 12.95
CA GLY A 131 -3.82 -16.86 12.55
C GLY A 131 -3.70 -16.97 11.03
N PHE A 132 -4.80 -17.36 10.38
CA PHE A 132 -4.84 -17.37 8.93
C PHE A 132 -4.48 -15.99 8.37
N THR A 133 -5.06 -14.94 8.94
CA THR A 133 -4.74 -13.58 8.52
C THR A 133 -3.26 -13.25 8.75
N ALA A 134 -2.69 -13.72 9.87
CA ALA A 134 -1.29 -13.44 10.16
C ALA A 134 -0.37 -14.06 9.12
N MET A 135 -0.69 -15.27 8.67
CA MET A 135 0.12 -15.92 7.65
C MET A 135 0.03 -15.17 6.32
N LEU A 136 -1.18 -14.77 5.92
CA LEU A 136 -1.35 -13.97 4.71
C LEU A 136 -0.54 -12.68 4.80
N ALA A 137 -0.49 -12.07 6.00
CA ALA A 137 0.32 -10.87 6.18
C ALA A 137 1.79 -11.17 5.99
N VAL A 138 2.27 -12.27 6.59
CA VAL A 138 3.67 -12.65 6.42
C VAL A 138 3.96 -12.93 4.95
N MET A 139 3.04 -13.60 4.26
CA MET A 139 3.24 -13.90 2.84
C MET A 139 3.29 -12.63 2.01
N ALA A 140 2.42 -11.65 2.31
CA ALA A 140 2.46 -10.38 1.58
C ALA A 140 3.80 -9.67 1.77
N LEU A 141 4.34 -9.68 2.99
CA LEU A 141 5.63 -9.01 3.21
C LEU A 141 6.75 -9.75 2.48
N GLU A 142 6.69 -11.08 2.45
CA GLU A 142 7.67 -11.86 1.71
C GLU A 142 7.62 -11.53 0.22
N ASP A 143 6.41 -11.48 -0.34
CA ASP A 143 6.21 -11.17 -1.75
C ASP A 143 6.76 -9.80 -2.13
N HIS A 144 7.02 -8.94 -1.14
CA HIS A 144 7.56 -7.62 -1.39
C HIS A 144 8.99 -7.48 -0.90
N GLY A 145 9.71 -8.60 -0.75
CA GLY A 145 11.14 -8.58 -0.46
C GLY A 145 11.55 -8.71 1.00
N LEU A 146 10.61 -8.92 1.93
CA LEU A 146 11.01 -9.12 3.32
C LEU A 146 11.83 -10.40 3.46
N THR A 147 12.98 -10.29 4.13
CA THR A 147 13.88 -11.42 4.35
C THR A 147 14.65 -11.12 5.63
N PRO A 148 15.05 -12.14 6.39
CA PRO A 148 15.72 -11.88 7.67
C PRO A 148 17.06 -11.18 7.50
N GLY A 149 17.50 -10.52 8.57
CA GLY A 149 18.80 -9.89 8.64
C GLY A 149 18.88 -8.44 8.20
N HIS A 150 17.74 -7.77 8.02
CA HIS A 150 17.75 -6.38 7.55
C HIS A 150 16.89 -5.49 8.43
N GLY A 151 16.79 -5.83 9.72
CA GLY A 151 16.04 -5.02 10.65
C GLY A 151 14.89 -5.74 11.32
N PRO A 152 14.34 -5.13 12.36
CA PRO A 152 13.21 -5.75 13.06
C PRO A 152 11.90 -5.60 12.29
N VAL A 153 11.03 -6.60 12.45
CA VAL A 153 9.67 -6.56 11.91
C VAL A 153 8.73 -6.20 13.05
N LEU A 154 8.01 -5.11 12.91
CA LEU A 154 7.08 -4.67 13.95
C LEU A 154 5.78 -5.46 13.86
N VAL A 155 5.29 -5.91 15.01
CA VAL A 155 3.96 -6.52 15.13
C VAL A 155 3.18 -5.70 16.16
N THR A 156 2.15 -5.02 15.71
CA THR A 156 1.36 -4.23 16.63
C THR A 156 0.25 -5.07 17.25
N GLY A 157 -0.21 -4.64 18.42
CA GLY A 157 -1.19 -5.46 19.15
C GLY A 157 -0.71 -6.88 19.33
N ALA A 158 0.56 -7.05 19.72
CA ALA A 158 1.25 -8.33 19.60
C ALA A 158 0.62 -9.42 20.47
N ALA A 159 -0.03 -9.05 21.57
CA ALA A 159 -0.50 -10.05 22.53
C ALA A 159 -1.87 -10.59 22.18
N GLY A 160 -2.52 -10.04 21.16
CA GLY A 160 -3.81 -10.51 20.72
C GLY A 160 -3.68 -11.67 19.76
N GLY A 161 -4.80 -12.02 19.15
CA GLY A 161 -4.88 -13.17 18.27
C GLY A 161 -3.99 -13.09 17.05
N VAL A 162 -4.26 -12.13 16.15
CA VAL A 162 -3.41 -11.99 14.97
C VAL A 162 -1.97 -11.74 15.39
N GLY A 163 -1.78 -10.92 16.43
CA GLY A 163 -0.44 -10.53 16.83
C GLY A 163 0.38 -11.68 17.39
N SER A 164 -0.25 -12.53 18.20
CA SER A 164 0.45 -13.69 18.74
C SER A 164 0.93 -14.62 17.63
N VAL A 165 0.04 -14.95 16.70
CA VAL A 165 0.42 -15.89 15.63
C VAL A 165 1.51 -15.28 14.76
N ALA A 166 1.33 -14.02 14.34
CA ALA A 166 2.35 -13.37 13.52
C ALA A 166 3.70 -13.37 14.22
N THR A 167 3.71 -13.08 15.53
CA THR A 167 4.95 -13.09 16.31
C THR A 167 5.65 -14.44 16.22
N ALA A 168 4.90 -15.52 16.46
CA ALA A 168 5.49 -16.86 16.50
C ALA A 168 5.98 -17.28 15.11
N ILE A 169 5.18 -17.02 14.08
CA ILE A 169 5.61 -17.35 12.71
C ILE A 169 6.89 -16.60 12.35
N LEU A 170 6.90 -15.29 12.55
CA LEU A 170 8.06 -14.49 12.18
C LEU A 170 9.29 -14.91 13.00
N ALA A 171 9.11 -15.16 14.29
CA ALA A 171 10.23 -15.62 15.11
C ALA A 171 10.76 -16.95 14.62
N HIS A 172 9.86 -17.87 14.24
CA HIS A 172 10.30 -19.16 13.76
C HIS A 172 11.02 -19.06 12.41
N LEU A 173 10.63 -18.10 11.58
CA LEU A 173 11.27 -17.92 10.29
C LEU A 173 12.57 -17.13 10.37
N GLY A 174 13.03 -16.80 11.57
CA GLY A 174 14.33 -16.19 11.77
C GLY A 174 14.36 -14.67 11.86
N TYR A 175 13.20 -14.01 11.96
CA TYR A 175 13.17 -12.56 12.03
C TYR A 175 13.33 -12.08 13.46
N GLU A 176 13.81 -10.85 13.61
CA GLU A 176 13.71 -10.16 14.89
C GLU A 176 12.37 -9.44 14.92
N VAL A 177 11.57 -9.77 15.92
CA VAL A 177 10.19 -9.34 16.00
C VAL A 177 10.11 -8.33 17.14
N ALA A 178 9.75 -7.10 16.81
CA ALA A 178 9.44 -6.07 17.80
C ALA A 178 7.94 -6.10 18.08
N ALA A 179 7.57 -6.37 19.34
CA ALA A 179 6.18 -6.67 19.71
C ALA A 179 5.62 -5.52 20.52
N VAL A 180 4.56 -4.88 20.00
CA VAL A 180 3.91 -3.72 20.59
C VAL A 180 2.83 -4.20 21.57
N THR A 181 2.77 -3.56 22.73
CA THR A 181 1.71 -3.86 23.69
C THR A 181 1.56 -2.72 24.68
N GLY A 182 0.34 -2.49 25.12
CA GLY A 182 0.05 -1.58 26.20
C GLY A 182 0.09 -2.21 27.57
N ARG A 183 0.18 -3.54 27.65
CA ARG A 183 0.18 -4.27 28.91
C ARG A 183 1.60 -4.75 29.17
N PRO A 184 2.41 -4.01 29.93
CA PRO A 184 3.79 -4.47 30.19
C PRO A 184 3.87 -5.84 30.87
N GLU A 185 2.83 -6.27 31.59
CA GLU A 185 2.86 -7.59 32.20
C GLU A 185 2.91 -8.72 31.17
N THR A 186 2.68 -8.43 29.90
CA THR A 186 2.63 -9.45 28.85
C THR A 186 3.96 -9.63 28.12
N ALA A 187 5.02 -8.97 28.61
CA ALA A 187 6.32 -9.10 27.98
C ALA A 187 6.81 -10.55 27.99
N ASP A 188 6.68 -11.22 29.13
CA ASP A 188 7.17 -12.60 29.26
C ASP A 188 6.44 -13.55 28.32
N TYR A 189 5.13 -13.37 28.17
CA TYR A 189 4.37 -14.14 27.20
C TYR A 189 4.90 -13.90 25.79
N LEU A 190 5.08 -12.63 25.41
CA LEU A 190 5.54 -12.31 24.05
C LEU A 190 6.96 -12.82 23.82
N THR A 191 7.85 -12.69 24.81
CA THR A 191 9.18 -13.28 24.65
C THR A 191 9.08 -14.78 24.42
N SER A 192 8.21 -15.45 25.18
CA SER A 192 8.03 -16.89 25.02
C SER A 192 7.56 -17.26 23.63
N LEU A 193 6.80 -16.38 22.96
CA LEU A 193 6.44 -16.69 21.57
C LEU A 193 7.62 -16.46 20.62
N GLY A 194 8.66 -15.76 21.06
CA GLY A 194 9.82 -15.47 20.22
C GLY A 194 10.07 -14.00 19.97
N ALA A 195 9.30 -13.08 20.56
CA ALA A 195 9.58 -11.66 20.38
C ALA A 195 10.96 -11.34 20.94
N THR A 196 11.74 -10.57 20.18
CA THR A 196 13.06 -10.19 20.66
C THR A 196 13.12 -8.76 21.19
N GLN A 197 12.12 -7.92 20.89
CA GLN A 197 12.02 -6.62 21.53
C GLN A 197 10.56 -6.38 21.93
N ILE A 198 10.37 -5.70 23.04
CA ILE A 198 9.05 -5.27 23.48
C ILE A 198 8.98 -3.76 23.29
N VAL A 199 7.94 -3.29 22.59
CA VAL A 199 7.75 -1.87 22.31
C VAL A 199 6.45 -1.47 22.98
N ALA A 200 6.46 -0.34 23.68
CA ALA A 200 5.31 0.07 24.46
C ALA A 200 4.32 0.83 23.59
N ARG A 201 3.03 0.49 23.74
CA ARG A 201 1.99 1.07 22.88
C ARG A 201 2.04 2.59 22.89
N ASP A 202 2.27 3.19 24.06
CA ASP A 202 2.24 4.64 24.19
C ASP A 202 3.40 5.33 23.46
N GLU A 203 4.43 4.59 23.06
CA GLU A 203 5.47 5.20 22.23
C GLU A 203 5.00 5.44 20.80
N ILE A 204 3.91 4.85 20.37
CA ILE A 204 3.70 4.76 18.94
C ILE A 204 2.23 4.88 18.56
N ASN A 205 1.39 5.28 19.52
CA ASN A 205 -0.05 5.26 19.29
C ASN A 205 -0.61 6.62 18.92
N GLU A 206 0.23 7.63 18.69
CA GLU A 206 -0.22 8.96 18.27
C GLU A 206 0.59 9.42 17.07
N THR A 207 -0.06 10.20 16.21
CA THR A 207 0.65 10.87 15.13
C THR A 207 1.56 11.95 15.71
N VAL A 208 2.59 12.33 14.93
CA VAL A 208 3.43 13.48 15.21
C VAL A 208 3.44 14.40 13.99
N LYS A 209 3.95 15.61 14.19
CA LYS A 209 3.91 16.62 13.12
C LYS A 209 4.86 16.27 11.98
N ARG A 210 6.03 15.71 12.30
CA ARG A 210 6.96 15.29 11.26
C ARG A 210 6.34 14.20 10.40
N PRO A 211 6.42 14.28 9.07
CA PRO A 211 5.87 13.22 8.21
C PRO A 211 6.83 12.04 8.02
N LEU A 212 8.10 12.20 8.37
CA LEU A 212 9.07 11.14 8.32
C LEU A 212 9.84 11.13 9.63
N GLU A 213 10.05 9.94 10.19
CA GLU A 213 10.97 9.79 11.30
C GLU A 213 12.10 8.88 10.86
N SER A 214 12.98 8.53 11.80
CA SER A 214 14.10 7.66 11.50
C SER A 214 13.62 6.31 10.99
N GLU A 215 14.38 5.74 10.05
CA GLU A 215 14.04 4.45 9.45
C GLU A 215 14.41 3.33 10.42
N ILE A 216 13.41 2.57 10.85
CA ILE A 216 13.58 1.52 11.83
C ILE A 216 13.14 0.16 11.30
N TRP A 217 11.87 0.05 10.89
CA TRP A 217 11.24 -1.25 10.68
C TRP A 217 11.48 -1.79 9.28
N ALA A 218 11.94 -3.05 9.22
CA ALA A 218 12.08 -3.77 7.97
C ALA A 218 10.73 -4.19 7.37
N GLY A 219 9.66 -4.13 8.15
CA GLY A 219 8.33 -4.50 7.73
C GLY A 219 7.43 -4.52 8.95
N CYS A 220 6.12 -4.67 8.70
CA CYS A 220 5.12 -4.59 9.77
C CYS A 220 3.86 -5.41 9.47
N VAL A 221 3.39 -6.13 10.49
CA VAL A 221 2.07 -6.73 10.54
C VAL A 221 1.27 -5.87 11.51
N ASP A 222 0.26 -5.17 10.99
CA ASP A 222 -0.47 -4.17 11.76
C ASP A 222 -1.87 -4.69 12.08
N ALA A 223 -2.06 -5.11 13.32
CA ALA A 223 -3.36 -5.58 13.78
C ALA A 223 -4.11 -4.52 14.59
N VAL A 224 -3.68 -3.26 14.54
CA VAL A 224 -4.27 -2.19 15.32
C VAL A 224 -4.93 -1.14 14.42
N GLY A 225 -4.18 -0.64 13.43
CA GLY A 225 -4.68 0.41 12.57
C GLY A 225 -4.70 1.75 13.27
N GLY A 226 -5.57 2.64 12.77
CA GLY A 226 -5.81 3.92 13.42
C GLY A 226 -4.59 4.84 13.41
N ALA A 227 -4.45 5.60 14.49
CA ALA A 227 -3.33 6.52 14.59
C ALA A 227 -2.00 5.78 14.65
N MET A 228 -1.97 4.60 15.27
CA MET A 228 -0.72 3.85 15.37
C MET A 228 -0.19 3.48 13.98
N LEU A 229 -1.09 3.08 13.07
CA LEU A 229 -0.67 2.73 11.73
C LEU A 229 -0.13 3.96 11.00
N ALA A 230 -0.82 5.09 11.13
CA ALA A 230 -0.32 6.33 10.53
C ALA A 230 1.08 6.67 11.05
N ARG A 231 1.30 6.50 12.36
CA ARG A 231 2.62 6.80 12.92
C ARG A 231 3.67 5.80 12.45
N VAL A 232 3.29 4.53 12.30
CA VAL A 232 4.24 3.50 11.91
C VAL A 232 4.73 3.73 10.48
N LEU A 233 3.83 4.19 9.59
CA LEU A 233 4.23 4.43 8.21
C LEU A 233 5.48 5.33 8.10
N GLY A 234 5.60 6.30 9.00
CA GLY A 234 6.76 7.20 8.98
C GLY A 234 8.04 6.66 9.59
N GLN A 235 8.01 5.43 10.08
CA GLN A 235 9.17 4.82 10.70
C GLN A 235 9.69 3.62 9.92
N MET A 236 9.10 3.33 8.75
CA MET A 236 9.48 2.16 7.97
C MET A 236 10.75 2.45 7.19
N LYS A 237 11.63 1.47 7.13
CA LYS A 237 12.80 1.56 6.28
C LYS A 237 12.41 1.75 4.82
N TYR A 238 13.34 2.28 4.04
CA TYR A 238 13.13 2.48 2.61
C TYR A 238 12.65 1.19 1.96
N GLY A 239 11.56 1.28 1.19
CA GLY A 239 11.02 0.16 0.45
C GLY A 239 10.35 -0.91 1.28
N ALA A 240 10.18 -0.70 2.59
CA ALA A 240 9.53 -1.65 3.46
C ALA A 240 8.01 -1.54 3.33
N SER A 241 7.32 -2.59 3.77
CA SER A 241 5.88 -2.70 3.57
C SER A 241 5.16 -2.95 4.89
N VAL A 242 3.93 -2.45 4.99
CA VAL A 242 3.05 -2.74 6.11
C VAL A 242 1.89 -3.58 5.61
N ALA A 243 1.60 -4.70 6.30
CA ALA A 243 0.40 -5.50 6.04
C ALA A 243 -0.70 -5.01 6.97
N ALA A 244 -1.65 -4.26 6.41
CA ALA A 244 -2.79 -3.77 7.19
C ALA A 244 -3.75 -4.92 7.46
N VAL A 245 -4.03 -5.18 8.74
CA VAL A 245 -4.78 -6.35 9.14
C VAL A 245 -5.93 -6.01 10.08
N GLY A 246 -5.82 -4.90 10.83
CA GLY A 246 -6.77 -4.63 11.89
C GLY A 246 -7.20 -3.18 11.99
N LEU A 247 -8.24 -2.99 12.80
CA LEU A 247 -8.83 -1.67 13.02
C LEU A 247 -9.26 -1.50 14.48
N ALA A 248 -8.74 -2.33 15.39
CA ALA A 248 -9.14 -2.23 16.78
C ALA A 248 -8.73 -0.89 17.38
N GLY A 249 -7.69 -0.27 16.85
CA GLY A 249 -7.34 1.06 17.29
C GLY A 249 -8.13 2.17 16.63
N GLY A 250 -9.03 1.83 15.72
CA GLY A 250 -9.82 2.82 15.03
C GLY A 250 -9.72 2.63 13.53
N ALA A 251 -10.78 3.00 12.84
CA ALA A 251 -10.85 2.82 11.40
C ALA A 251 -10.20 3.99 10.66
N GLY A 252 -10.18 5.18 11.25
CA GLY A 252 -9.59 6.32 10.58
C GLY A 252 -8.09 6.15 10.45
N LEU A 253 -7.56 6.56 9.29
CA LEU A 253 -6.13 6.45 8.99
C LEU A 253 -5.58 7.85 8.73
N PRO A 254 -5.07 8.55 9.82
CA PRO A 254 -4.60 9.95 9.68
C PRO A 254 -3.16 10.03 9.18
N ALA A 255 -2.94 9.60 7.94
CA ALA A 255 -1.60 9.45 7.40
C ALA A 255 -1.21 10.65 6.56
N THR A 256 0.04 10.64 6.08
CA THR A 256 0.49 11.50 5.00
C THR A 256 0.94 10.60 3.86
N VAL A 257 1.08 11.18 2.66
CA VAL A 257 1.61 10.39 1.55
C VAL A 257 3.14 10.39 1.52
N ILE A 258 3.79 11.17 2.39
CA ILE A 258 5.25 11.34 2.29
C ILE A 258 6.02 10.02 2.41
N PRO A 259 5.71 9.12 3.35
CA PRO A 259 6.45 7.83 3.37
C PRO A 259 6.37 7.09 2.05
N PHE A 260 5.23 7.13 1.37
CA PHE A 260 5.09 6.40 0.13
C PHE A 260 5.94 7.03 -0.96
N LEU A 261 5.83 8.34 -1.14
CA LEU A 261 6.62 9.00 -2.17
C LEU A 261 8.11 8.94 -1.86
N LEU A 262 8.51 9.35 -0.65
CA LEU A 262 9.93 9.56 -0.46
C LEU A 262 10.68 8.26 -0.15
N ARG A 263 10.01 7.26 0.41
CA ARG A 263 10.70 6.04 0.81
C ARG A 263 10.23 4.80 0.07
N GLY A 264 9.31 4.93 -0.89
CA GLY A 264 8.79 3.76 -1.59
C GLY A 264 8.06 2.77 -0.71
N VAL A 265 7.50 3.23 0.41
CA VAL A 265 6.81 2.34 1.35
C VAL A 265 5.48 1.88 0.76
N ASN A 266 5.08 0.65 1.11
CA ASN A 266 3.80 0.08 0.69
C ASN A 266 2.89 -0.21 1.89
N LEU A 267 1.58 -0.04 1.67
CA LEU A 267 0.56 -0.44 2.63
C LEU A 267 -0.32 -1.49 1.95
N LEU A 268 -0.21 -2.74 2.41
CA LEU A 268 -0.78 -3.90 1.73
C LEU A 268 -2.00 -4.39 2.48
N GLY A 269 -3.16 -4.34 1.82
CA GLY A 269 -4.40 -4.76 2.46
C GLY A 269 -4.51 -6.26 2.52
N ILE A 270 -4.77 -6.79 3.71
CA ILE A 270 -4.96 -8.21 3.93
C ILE A 270 -6.46 -8.47 4.11
N ASP A 271 -7.10 -9.13 3.15
CA ASP A 271 -8.47 -9.62 3.31
C ASP A 271 -8.45 -11.14 3.46
N SER A 272 -8.84 -11.63 4.64
CA SER A 272 -9.01 -13.07 4.81
C SER A 272 -10.36 -13.56 4.30
N VAL A 273 -11.39 -12.70 4.31
CA VAL A 273 -12.76 -13.19 4.19
C VAL A 273 -12.98 -13.91 2.87
N MET A 274 -12.47 -13.35 1.76
CA MET A 274 -12.80 -13.83 0.43
C MET A 274 -11.63 -14.45 -0.31
N GLN A 275 -10.59 -14.85 0.42
CA GLN A 275 -9.43 -15.48 -0.22
C GLN A 275 -9.87 -16.68 -1.07
N PRO A 276 -9.36 -16.82 -2.28
CA PRO A 276 -9.79 -17.94 -3.14
C PRO A 276 -9.23 -19.25 -2.63
N TYR A 277 -9.91 -20.33 -3.05
CA TYR A 277 -9.57 -21.67 -2.60
C TYR A 277 -8.07 -21.96 -2.68
N ALA A 278 -7.48 -21.71 -3.85
CA ALA A 278 -6.08 -22.07 -4.06
C ALA A 278 -5.16 -21.37 -3.06
N ASN A 279 -5.37 -20.07 -2.82
CA ASN A 279 -4.49 -19.40 -1.87
C ASN A 279 -4.73 -19.86 -0.44
N ARG A 280 -5.99 -20.19 -0.09
CA ARG A 280 -6.26 -20.73 1.25
C ARG A 280 -5.44 -21.96 1.51
N LEU A 281 -5.37 -22.88 0.54
CA LEU A 281 -4.55 -24.07 0.72
C LEU A 281 -3.09 -23.69 0.92
N ARG A 282 -2.58 -22.74 0.13
CA ARG A 282 -1.18 -22.36 0.23
C ARG A 282 -0.89 -21.79 1.61
N ALA A 283 -1.76 -20.90 2.10
CA ALA A 283 -1.54 -20.26 3.40
C ALA A 283 -1.64 -21.27 4.53
N TRP A 284 -2.57 -22.22 4.44
CA TRP A 284 -2.69 -23.23 5.49
C TRP A 284 -1.48 -24.17 5.51
N GLU A 285 -0.97 -24.55 4.32
CA GLU A 285 0.29 -25.29 4.27
C GLU A 285 1.41 -24.52 4.97
N ARG A 286 1.49 -23.21 4.72
CA ARG A 286 2.55 -22.42 5.33
C ARG A 286 2.42 -22.42 6.85
N ILE A 287 1.18 -22.32 7.34
CA ILE A 287 0.94 -22.34 8.78
C ILE A 287 1.38 -23.67 9.38
N ALA A 288 0.99 -24.77 8.74
CA ALA A 288 1.40 -26.08 9.23
C ALA A 288 2.92 -26.20 9.31
N ARG A 289 3.64 -25.48 8.45
CA ARG A 289 5.09 -25.62 8.41
C ARG A 289 5.81 -24.58 9.28
N ASP A 290 5.30 -23.35 9.37
CA ASP A 290 6.07 -22.27 9.99
C ASP A 290 5.50 -21.72 11.30
N LEU A 291 4.32 -22.20 11.75
CA LEU A 291 3.86 -21.91 13.10
C LEU A 291 4.16 -23.11 13.98
N PRO A 292 5.11 -23.04 14.91
CA PRO A 292 5.41 -24.23 15.73
C PRO A 292 4.23 -24.56 16.64
N MET A 293 3.85 -25.85 16.66
CA MET A 293 2.62 -26.23 17.36
C MET A 293 2.70 -25.97 18.85
N ASP A 294 3.91 -26.02 19.44
CA ASP A 294 4.01 -25.72 20.88
C ASP A 294 3.89 -24.23 21.17
N LYS A 295 4.31 -23.37 20.24
CA LYS A 295 4.01 -21.96 20.38
C LYS A 295 2.50 -21.70 20.29
N LEU A 296 1.84 -22.35 19.33
CA LEU A 296 0.38 -22.25 19.23
C LEU A 296 -0.30 -22.70 20.53
N GLU A 297 0.14 -23.82 21.08
CA GLU A 297 -0.41 -24.32 22.34
C GLU A 297 -0.34 -23.26 23.44
N ALA A 298 0.82 -22.60 23.60
CA ALA A 298 0.97 -21.56 24.62
C ALA A 298 0.01 -20.38 24.43
N MET A 299 -0.61 -20.24 23.26
CA MET A 299 -1.58 -19.17 23.04
C MET A 299 -3.00 -19.56 23.43
N ILE A 300 -3.25 -20.84 23.69
CA ILE A 300 -4.62 -21.33 23.67
C ILE A 300 -5.32 -21.04 25.00
N ARG A 301 -6.53 -20.49 24.91
CA ARG A 301 -7.39 -20.27 26.07
C ARG A 301 -8.69 -21.05 25.85
N PRO A 302 -8.94 -22.13 26.61
CA PRO A 302 -10.15 -22.94 26.38
C PRO A 302 -11.43 -22.17 26.69
N ALA A 303 -12.52 -22.58 26.03
CA ALA A 303 -13.81 -21.93 26.22
C ALA A 303 -14.91 -22.85 25.75
N THR A 304 -16.12 -22.56 26.22
CA THR A 304 -17.34 -23.25 25.83
C THR A 304 -18.33 -22.23 25.27
N LEU A 305 -19.43 -22.75 24.73
CA LEU A 305 -20.45 -21.88 24.15
C LEU A 305 -20.95 -20.84 25.17
N SER A 306 -21.19 -21.27 26.42
CA SER A 306 -21.70 -20.36 27.44
C SER A 306 -20.70 -19.25 27.81
N ASP A 307 -19.40 -19.46 27.57
CA ASP A 307 -18.42 -18.37 27.77
C ASP A 307 -18.50 -17.28 26.70
N LEU A 308 -19.18 -17.54 25.58
CA LEU A 308 -19.05 -16.63 24.44
C LEU A 308 -19.55 -15.21 24.71
N PRO A 309 -20.68 -14.95 25.38
CA PRO A 309 -21.07 -13.54 25.58
C PRO A 309 -19.98 -12.72 26.27
N GLY A 310 -19.42 -13.21 27.37
CA GLY A 310 -18.38 -12.46 28.07
C GLY A 310 -17.12 -12.27 27.23
N LEU A 311 -16.65 -13.36 26.60
CA LEU A 311 -15.45 -13.26 25.77
C LEU A 311 -15.65 -12.30 24.60
N GLY A 312 -16.83 -12.35 23.96
CA GLY A 312 -17.14 -11.38 22.92
C GLY A 312 -17.03 -9.95 23.40
N ALA A 313 -17.52 -9.68 24.62
CA ALA A 313 -17.35 -8.35 25.20
C ALA A 313 -15.88 -8.08 25.50
N ASP A 314 -15.16 -9.10 25.97
CA ASP A 314 -13.76 -8.94 26.37
C ASP A 314 -12.87 -8.63 25.18
N ILE A 315 -13.08 -9.33 24.05
CA ILE A 315 -12.16 -9.17 22.94
C ILE A 315 -12.32 -7.79 22.33
N LEU A 316 -13.50 -7.17 22.46
CA LEU A 316 -13.72 -5.83 21.90
C LEU A 316 -13.03 -4.75 22.71
N LYS A 317 -12.71 -5.03 23.97
CA LYS A 317 -11.99 -4.10 24.82
C LYS A 317 -10.49 -4.34 24.85
N GLY A 318 -9.97 -5.25 24.03
CA GLY A 318 -8.57 -5.60 24.15
C GLY A 318 -8.19 -6.40 25.38
N GLN A 319 -9.10 -7.25 25.89
CA GLN A 319 -8.84 -8.00 27.12
C GLN A 319 -8.75 -9.51 26.89
N VAL A 320 -8.41 -9.94 25.68
CA VAL A 320 -8.17 -11.36 25.41
C VAL A 320 -6.76 -11.49 24.88
N GLN A 321 -5.94 -12.27 25.59
CA GLN A 321 -4.59 -12.60 25.16
C GLN A 321 -4.61 -13.94 24.42
N GLY A 322 -3.86 -14.01 23.32
CA GLY A 322 -3.77 -15.28 22.62
C GLY A 322 -5.02 -15.58 21.81
N ARG A 323 -5.42 -16.86 21.84
CA ARG A 323 -6.40 -17.41 20.91
C ARG A 323 -7.33 -18.35 21.64
N VAL A 324 -8.62 -17.99 21.71
CA VAL A 324 -9.62 -18.84 22.34
C VAL A 324 -9.92 -20.04 21.45
N VAL A 325 -10.07 -21.21 22.06
CA VAL A 325 -10.52 -22.40 21.36
C VAL A 325 -11.85 -22.84 21.96
N VAL A 326 -12.91 -22.80 21.15
CA VAL A 326 -14.25 -23.14 21.62
C VAL A 326 -14.52 -24.60 21.27
N ASP A 327 -14.57 -25.46 22.30
CA ASP A 327 -15.09 -26.82 22.17
C ASP A 327 -16.61 -26.76 22.25
N VAL A 328 -17.28 -26.74 21.10
CA VAL A 328 -18.73 -26.65 21.06
C VAL A 328 -19.43 -27.90 21.57
N ASN A 329 -18.66 -28.98 21.82
CA ASN A 329 -19.21 -30.23 22.31
C ASN A 329 -18.82 -30.57 23.73
N ALA A 330 -18.12 -29.68 24.44
CA ALA A 330 -17.77 -29.97 25.84
C ALA A 330 -19.03 -30.27 26.67
N MET B 1 32.98 30.49 -20.53
CA MET B 1 31.89 30.58 -19.56
C MET B 1 30.58 30.12 -20.18
N PHE B 2 29.55 29.93 -19.35
CA PHE B 2 28.32 29.33 -19.83
C PHE B 2 27.14 29.80 -18.98
N ASN B 3 25.95 29.51 -19.48
CA ASN B 3 24.70 29.99 -18.93
C ASN B 3 24.07 28.95 -17.99
N ALA B 4 23.45 29.45 -16.93
CA ALA B 4 22.79 28.60 -15.95
C ALA B 4 21.80 29.46 -15.19
N LEU B 5 20.78 28.78 -14.65
CA LEU B 5 19.80 29.42 -13.78
C LEU B 5 20.28 29.27 -12.34
N VAL B 6 20.37 30.39 -11.64
CA VAL B 6 20.95 30.44 -10.31
C VAL B 6 19.91 31.05 -9.37
N VAL B 7 19.70 30.42 -8.23
CA VAL B 7 18.75 30.91 -7.23
C VAL B 7 19.53 31.39 -6.04
N ASP B 8 19.34 32.66 -5.68
CA ASP B 8 19.88 33.24 -4.46
C ASP B 8 18.80 33.36 -3.39
N LYS B 9 19.24 33.45 -2.12
CA LYS B 9 18.33 33.57 -1.00
C LYS B 9 18.81 34.64 -0.04
N ASP B 10 17.87 35.46 0.42
CA ASP B 10 18.13 36.51 1.41
C ASP B 10 17.81 35.93 2.78
N GLU B 11 18.84 35.49 3.50
CA GLU B 11 18.61 34.72 4.74
C GLU B 11 17.88 35.54 5.79
N GLU B 12 18.25 36.82 5.96
CA GLU B 12 17.50 37.71 6.85
C GLU B 12 16.01 37.64 6.53
N SER B 13 15.68 37.79 5.26
CA SER B 13 14.31 37.86 4.79
C SER B 13 13.74 36.51 4.37
N GLY B 14 14.58 35.57 3.93
CA GLY B 14 14.11 34.28 3.46
C GLY B 14 13.67 34.23 2.01
N LYS B 15 13.35 35.37 1.41
CA LYS B 15 12.93 35.39 0.01
C LYS B 15 14.07 34.95 -0.91
N THR B 16 13.68 34.43 -2.07
CA THR B 16 14.59 33.89 -3.05
C THR B 16 14.40 34.62 -4.37
N GLN B 17 15.39 34.48 -5.24
CA GLN B 17 15.40 35.12 -6.54
C GLN B 17 16.12 34.18 -7.50
N ALA B 18 15.52 33.95 -8.65
CA ALA B 18 16.10 33.09 -9.66
C ALA B 18 16.39 33.92 -10.91
N ALA B 19 17.62 33.80 -11.41
CA ALA B 19 18.02 34.52 -12.61
C ALA B 19 18.99 33.67 -13.40
N VAL B 20 18.97 33.86 -14.72
CA VAL B 20 20.01 33.30 -15.59
C VAL B 20 21.31 34.06 -15.36
N LYS B 21 22.41 33.32 -15.25
CA LYS B 21 23.70 33.91 -14.92
C LYS B 21 24.80 33.19 -15.70
N GLN B 22 25.93 33.88 -15.89
CA GLN B 22 27.10 33.28 -16.50
C GLN B 22 28.02 32.74 -15.41
N LEU B 23 28.45 31.48 -15.56
CA LEU B 23 29.36 30.80 -14.64
C LEU B 23 30.55 30.27 -15.42
N SER B 24 31.58 29.88 -14.68
CA SER B 24 32.68 29.13 -15.25
C SER B 24 32.70 27.71 -14.71
N LEU B 25 33.49 26.87 -15.38
CA LEU B 25 33.60 25.46 -15.00
C LEU B 25 33.95 25.31 -13.51
N THR B 26 34.84 26.17 -13.00
CA THR B 26 35.30 26.05 -11.62
C THR B 26 34.24 26.46 -10.60
N ASP B 27 33.16 27.12 -11.02
CA ASP B 27 32.08 27.40 -10.08
C ASP B 27 31.25 26.16 -9.78
N LEU B 28 31.21 25.20 -10.71
CA LEU B 28 30.47 23.97 -10.47
C LEU B 28 31.12 23.18 -9.34
N PRO B 29 30.36 22.31 -8.67
CA PRO B 29 30.98 21.36 -7.75
C PRO B 29 31.82 20.37 -8.53
N VAL B 30 32.89 19.87 -7.90
CA VAL B 30 33.71 18.88 -8.57
C VAL B 30 32.96 17.55 -8.64
N GLY B 31 33.23 16.80 -9.70
CA GLY B 31 32.57 15.52 -9.90
C GLY B 31 33.33 14.70 -10.92
N GLU B 32 32.94 13.43 -10.99
CA GLU B 32 33.65 12.47 -11.83
C GLU B 32 33.39 12.69 -13.31
N VAL B 33 32.14 13.03 -13.68
CA VAL B 33 31.76 13.18 -15.07
C VAL B 33 31.22 14.59 -15.28
N THR B 34 31.71 15.26 -16.32
CA THR B 34 31.23 16.56 -16.74
C THR B 34 30.44 16.37 -18.03
N VAL B 35 29.18 16.82 -18.01
CA VAL B 35 28.29 16.66 -19.15
C VAL B 35 28.02 18.03 -19.75
N ALA B 36 28.16 18.13 -21.07
CA ALA B 36 27.61 19.28 -21.79
C ALA B 36 26.12 19.03 -21.92
N VAL B 37 25.33 19.73 -21.10
CA VAL B 37 23.89 19.51 -21.06
C VAL B 37 23.28 19.97 -22.37
N GLU B 38 22.38 19.15 -22.92
CA GLU B 38 21.59 19.53 -24.08
C GLU B 38 20.14 19.85 -23.72
N TYR B 39 19.54 19.15 -22.75
CA TYR B 39 18.13 19.36 -22.46
C TYR B 39 17.85 19.13 -20.98
N SER B 40 16.87 19.86 -20.48
CA SER B 40 16.33 19.60 -19.15
C SER B 40 14.82 19.69 -19.27
N THR B 41 14.13 19.85 -18.14
CA THR B 41 12.68 19.83 -18.13
C THR B 41 12.22 20.47 -16.82
N VAL B 42 10.91 20.62 -16.66
CA VAL B 42 10.35 21.19 -15.45
C VAL B 42 9.43 20.16 -14.82
N ASN B 43 9.81 19.67 -13.63
CA ASN B 43 8.96 18.83 -12.79
C ASN B 43 8.31 19.69 -11.73
N TYR B 44 7.33 19.10 -11.03
CA TYR B 44 6.73 19.81 -9.89
C TYR B 44 7.79 20.17 -8.86
N LYS B 45 8.72 19.25 -8.56
CA LYS B 45 9.80 19.53 -7.61
C LYS B 45 10.68 20.68 -8.08
N ASP B 46 10.98 20.73 -9.38
CA ASP B 46 11.75 21.86 -9.91
C ASP B 46 11.06 23.18 -9.58
N GLY B 47 9.73 23.23 -9.72
CA GLY B 47 8.99 24.40 -9.28
C GLY B 47 9.33 24.82 -7.86
N LEU B 48 9.38 23.86 -6.93
CA LEU B 48 9.78 24.19 -5.56
C LEU B 48 11.21 24.71 -5.53
N CYS B 49 12.13 24.00 -6.21
CA CYS B 49 13.54 24.36 -6.13
C CYS B 49 13.86 25.67 -6.85
N ILE B 50 13.04 26.07 -7.82
CA ILE B 50 13.23 27.35 -8.51
C ILE B 50 12.81 28.52 -7.62
N GLY B 51 11.73 28.35 -6.86
CA GLY B 51 11.14 29.44 -6.11
C GLY B 51 11.34 29.32 -4.62
N PRO B 52 10.27 28.92 -3.90
CA PRO B 52 10.34 28.95 -2.43
C PRO B 52 11.36 28.00 -1.82
N GLY B 53 11.67 26.89 -2.48
CA GLY B 53 12.57 25.90 -1.94
C GLY B 53 11.89 24.68 -1.33
N GLY B 54 10.70 24.86 -0.77
CA GLY B 54 9.98 23.76 -0.14
C GLY B 54 10.80 22.90 0.80
N GLY B 55 11.85 23.48 1.41
CA GLY B 55 12.73 22.74 2.30
C GLY B 55 13.60 21.70 1.64
N LEU B 56 13.67 21.70 0.30
CA LEU B 56 14.44 20.71 -0.44
C LEU B 56 15.86 21.16 -0.74
N VAL B 57 16.13 22.45 -0.73
CA VAL B 57 17.45 23.00 -1.03
C VAL B 57 18.06 23.47 0.27
N ARG B 58 19.25 22.98 0.60
CA ARG B 58 19.92 23.35 1.83
C ARG B 58 21.14 24.24 1.64
N LYS B 59 21.56 24.51 0.40
CA LYS B 59 22.69 25.39 0.16
C LYS B 59 22.37 26.36 -0.97
N TYR B 60 22.42 27.65 -0.68
CA TYR B 60 22.31 28.68 -1.71
C TYR B 60 23.65 29.41 -1.84
N PRO B 61 23.98 29.93 -3.02
CA PRO B 61 23.21 29.91 -4.28
C PRO B 61 23.09 28.50 -4.90
N HIS B 62 22.03 28.30 -5.70
CA HIS B 62 21.64 26.96 -6.12
C HIS B 62 21.31 26.93 -7.60
N VAL B 63 21.86 25.95 -8.31
CA VAL B 63 21.44 25.63 -9.67
C VAL B 63 20.44 24.48 -9.59
N PRO B 64 19.14 24.71 -9.91
CA PRO B 64 18.17 23.61 -9.85
C PRO B 64 18.17 22.74 -11.10
N GLY B 65 17.08 21.97 -11.26
CA GLY B 65 16.95 21.01 -12.32
C GLY B 65 17.30 19.60 -11.88
N ILE B 66 16.29 18.79 -11.54
CA ILE B 66 16.51 17.41 -11.12
C ILE B 66 16.81 16.47 -12.28
N ASP B 67 16.56 16.88 -13.52
CA ASP B 67 16.86 16.09 -14.71
C ASP B 67 17.83 16.84 -15.63
N PHE B 68 18.56 16.07 -16.44
CA PHE B 68 19.18 16.59 -17.66
C PHE B 68 19.56 15.42 -18.55
N ALA B 69 19.75 15.71 -19.83
CA ALA B 69 20.37 14.79 -20.78
C ALA B 69 21.37 15.55 -21.64
N GLY B 70 22.44 14.87 -22.04
CA GLY B 70 23.48 15.50 -22.83
C GLY B 70 24.66 14.61 -23.16
N THR B 71 25.80 15.21 -23.46
CA THR B 71 26.97 14.49 -23.94
C THR B 71 28.13 14.65 -22.97
N VAL B 72 28.80 13.54 -22.67
CA VAL B 72 29.91 13.55 -21.72
C VAL B 72 31.06 14.38 -22.26
N GLU B 73 31.55 15.31 -21.45
CA GLU B 73 32.65 16.18 -21.83
C GLU B 73 33.99 15.65 -21.32
N ASN B 74 34.06 15.30 -20.04
CA ASN B 74 35.22 14.63 -19.48
C ASN B 74 34.75 13.72 -18.36
N SER B 75 35.54 12.68 -18.09
CA SER B 75 35.18 11.72 -17.06
C SER B 75 36.42 10.99 -16.56
N SER B 76 36.55 10.90 -15.25
CA SER B 76 37.57 10.10 -14.60
C SER B 76 37.09 8.71 -14.23
N ASP B 77 35.98 8.25 -14.83
CA ASP B 77 35.37 6.98 -14.48
C ASP B 77 35.26 6.11 -15.73
N GLU B 78 35.64 4.83 -15.59
CA GLU B 78 35.70 3.94 -16.75
C GLU B 78 34.36 3.87 -17.49
N ARG B 79 33.25 3.90 -16.75
CA ARG B 79 31.93 3.64 -17.33
C ARG B 79 31.59 4.63 -18.44
N TYR B 80 32.09 5.86 -18.38
CA TYR B 80 31.73 6.88 -19.36
C TYR B 80 32.97 7.59 -19.88
N LYS B 81 33.01 7.81 -21.19
CA LYS B 81 34.10 8.51 -21.85
C LYS B 81 33.54 9.67 -22.67
N PRO B 82 34.38 10.64 -23.03
CA PRO B 82 33.89 11.80 -23.81
C PRO B 82 33.16 11.34 -25.06
N GLY B 83 32.02 12.00 -25.34
CA GLY B 83 31.17 11.65 -26.45
C GLY B 83 29.93 10.85 -26.09
N ASP B 84 29.93 10.13 -24.97
CA ASP B 84 28.81 9.27 -24.61
C ASP B 84 27.56 10.09 -24.28
N LYS B 85 26.43 9.70 -24.86
CA LYS B 85 25.14 10.30 -24.52
C LYS B 85 24.59 9.67 -23.24
N VAL B 86 24.16 10.51 -22.30
CA VAL B 86 23.76 10.06 -20.96
C VAL B 86 22.55 10.85 -20.49
N VAL B 87 21.77 10.22 -19.59
CA VAL B 87 20.59 10.83 -18.98
C VAL B 87 20.81 10.87 -17.48
N LEU B 88 20.35 11.95 -16.85
CA LEU B 88 20.34 12.04 -15.39
C LEU B 88 18.93 12.36 -14.92
N THR B 89 18.40 11.52 -14.02
CA THR B 89 17.18 11.83 -13.28
C THR B 89 17.43 11.59 -11.81
N GLY B 90 16.93 12.49 -10.97
CA GLY B 90 16.92 12.24 -9.54
C GLY B 90 18.30 12.22 -8.89
N TRP B 91 18.49 11.23 -8.01
CA TRP B 91 19.69 11.06 -7.20
C TRP B 91 19.98 12.28 -6.31
N ARG B 92 18.96 13.11 -6.07
CA ARG B 92 18.98 14.37 -5.33
C ARG B 92 19.63 15.51 -6.11
N VAL B 93 20.10 15.26 -7.34
CA VAL B 93 20.56 16.35 -8.19
C VAL B 93 19.41 17.32 -8.39
N GLY B 94 19.74 18.61 -8.39
CA GLY B 94 18.73 19.65 -8.41
C GLY B 94 18.17 20.01 -7.06
N GLU B 95 18.55 19.31 -6.01
CA GLU B 95 18.06 19.56 -4.67
C GLU B 95 19.24 19.70 -3.72
N ALA B 96 19.91 18.59 -3.45
CA ALA B 96 21.09 18.62 -2.61
C ALA B 96 22.34 19.03 -3.40
N HIS B 97 22.30 18.93 -4.71
CA HIS B 97 23.43 19.27 -5.56
C HIS B 97 22.97 20.15 -6.72
N TRP B 98 23.93 20.87 -7.30
CA TRP B 98 23.68 21.63 -8.51
C TRP B 98 23.22 20.70 -9.63
N GLY B 99 22.28 21.18 -10.45
CA GLY B 99 21.51 20.33 -11.33
C GLY B 99 21.55 20.79 -12.78
N GLY B 100 20.48 20.45 -13.50
CA GLY B 100 20.43 20.48 -14.95
C GLY B 100 20.12 21.81 -15.61
N TYR B 101 19.80 22.86 -14.85
CA TYR B 101 19.46 24.15 -15.46
C TYR B 101 20.76 24.93 -15.71
N SER B 102 21.57 24.38 -16.61
CA SER B 102 22.94 24.83 -16.84
C SER B 102 23.42 24.15 -18.12
N GLN B 103 24.27 24.86 -18.87
CA GLN B 103 24.88 24.26 -20.04
C GLN B 103 25.86 23.15 -19.68
N LYS B 104 26.37 23.16 -18.44
CA LYS B 104 27.29 22.14 -17.98
C LYS B 104 26.89 21.67 -16.59
N ALA B 105 27.06 20.37 -16.35
CA ALA B 105 26.77 19.76 -15.05
C ALA B 105 27.83 18.71 -14.71
N ASN B 106 28.23 18.68 -13.44
CA ASN B 106 29.11 17.65 -12.90
C ASN B 106 28.29 16.74 -12.00
N VAL B 107 28.44 15.43 -12.16
CA VAL B 107 27.73 14.42 -11.39
C VAL B 107 28.64 13.23 -11.11
N ARG B 108 28.22 12.39 -10.16
CA ARG B 108 28.82 11.08 -9.93
C ARG B 108 28.42 10.12 -11.05
N ALA B 109 29.37 9.30 -11.49
CA ALA B 109 29.10 8.38 -12.59
C ALA B 109 28.02 7.38 -12.23
N ASP B 110 27.85 7.08 -10.93
CA ASP B 110 26.77 6.20 -10.48
C ASP B 110 25.40 6.78 -10.77
N TRP B 111 25.29 8.10 -10.90
CA TRP B 111 23.98 8.75 -11.05
C TRP B 111 23.45 8.71 -12.48
N LEU B 112 24.31 8.42 -13.46
CA LEU B 112 23.96 8.45 -14.87
C LEU B 112 23.42 7.10 -15.35
N VAL B 113 22.71 7.14 -16.48
CA VAL B 113 22.39 5.95 -17.26
C VAL B 113 22.78 6.24 -18.71
N PRO B 114 23.23 5.24 -19.47
CA PRO B 114 23.40 5.44 -20.92
C PRO B 114 22.09 5.89 -21.56
N LEU B 115 22.20 6.73 -22.58
CA LEU B 115 21.01 7.14 -23.31
C LEU B 115 20.29 5.92 -23.85
N PRO B 116 19.05 5.67 -23.46
CA PRO B 116 18.37 4.45 -23.90
C PRO B 116 18.19 4.41 -25.42
N GLU B 117 18.38 3.22 -25.99
CA GLU B 117 18.04 2.97 -27.38
C GLU B 117 16.66 3.52 -27.71
N GLY B 118 16.56 4.23 -28.82
CA GLY B 118 15.28 4.67 -29.32
C GLY B 118 14.80 6.02 -28.80
N LEU B 119 15.53 6.64 -27.89
CA LEU B 119 15.26 8.00 -27.44
C LEU B 119 16.48 8.85 -27.74
N ASP B 120 16.25 10.10 -28.14
CA ASP B 120 17.35 11.06 -28.18
C ASP B 120 17.32 11.90 -26.91
N THR B 121 18.35 12.72 -26.72
CA THR B 121 18.43 13.47 -25.47
C THR B 121 17.21 14.35 -25.28
N ARG B 122 16.63 14.83 -26.38
CA ARG B 122 15.45 15.67 -26.28
C ARG B 122 14.26 14.89 -25.75
N GLN B 123 13.96 13.72 -26.33
CA GLN B 123 12.84 12.93 -25.86
C GLN B 123 13.06 12.40 -24.45
N ALA B 124 14.32 12.06 -24.11
CA ALA B 124 14.62 11.62 -22.76
C ALA B 124 14.14 12.61 -21.71
N MET B 125 14.29 13.91 -21.99
CA MET B 125 13.83 14.92 -21.06
C MET B 125 12.35 15.26 -21.25
N ALA B 126 11.81 15.06 -22.46
CA ALA B 126 10.35 15.09 -22.60
C ALA B 126 9.73 14.07 -21.67
N VAL B 127 10.34 12.90 -21.55
CA VAL B 127 9.94 11.93 -20.55
C VAL B 127 10.23 12.46 -19.15
N GLY B 128 11.53 12.67 -18.85
CA GLY B 128 11.91 13.24 -17.58
C GLY B 128 11.52 12.39 -16.36
N THR B 129 11.80 12.95 -15.18
CA THR B 129 11.40 12.31 -13.94
C THR B 129 9.90 12.04 -13.92
N ALA B 130 9.09 12.99 -14.41
CA ALA B 130 7.65 12.77 -14.48
C ALA B 130 7.33 11.51 -15.28
N GLY B 131 7.89 11.38 -16.48
CA GLY B 131 7.60 10.22 -17.29
C GLY B 131 8.20 8.94 -16.73
N PHE B 132 9.41 9.04 -16.16
CA PHE B 132 10.06 7.92 -15.51
C PHE B 132 9.22 7.41 -14.35
N THR B 133 8.71 8.35 -13.54
CA THR B 133 7.82 7.99 -12.45
C THR B 133 6.57 7.30 -12.97
N ALA B 134 5.98 7.82 -14.05
CA ALA B 134 4.80 7.20 -14.64
C ALA B 134 5.06 5.75 -15.03
N MET B 135 6.25 5.48 -15.58
CA MET B 135 6.57 4.10 -15.95
C MET B 135 6.74 3.22 -14.73
N LEU B 136 7.40 3.74 -13.68
CA LEU B 136 7.54 2.98 -12.44
C LEU B 136 6.18 2.64 -11.86
N ALA B 137 5.23 3.59 -11.93
CA ALA B 137 3.87 3.34 -11.44
C ALA B 137 3.21 2.20 -12.20
N VAL B 138 3.23 2.28 -13.54
CA VAL B 138 2.61 1.24 -14.36
C VAL B 138 3.22 -0.12 -14.03
N MET B 139 4.55 -0.16 -13.89
CA MET B 139 5.21 -1.42 -13.55
C MET B 139 4.74 -1.95 -12.18
N ALA B 140 4.53 -1.06 -11.20
CA ALA B 140 4.03 -1.48 -9.90
C ALA B 140 2.65 -2.10 -10.02
N LEU B 141 1.78 -1.50 -10.84
CA LEU B 141 0.45 -2.07 -11.03
C LEU B 141 0.53 -3.43 -11.72
N GLU B 142 1.40 -3.56 -12.72
CA GLU B 142 1.57 -4.85 -13.40
C GLU B 142 2.04 -5.92 -12.43
N ASP B 143 3.03 -5.59 -11.60
CA ASP B 143 3.56 -6.55 -10.64
C ASP B 143 2.50 -7.00 -9.67
N HIS B 144 1.41 -6.24 -9.52
CA HIS B 144 0.34 -6.56 -8.59
C HIS B 144 -0.90 -7.08 -9.30
N GLY B 145 -0.76 -7.51 -10.55
CA GLY B 145 -1.82 -8.22 -11.25
C GLY B 145 -2.62 -7.43 -12.26
N LEU B 146 -2.26 -6.19 -12.55
CA LEU B 146 -3.03 -5.41 -13.52
C LEU B 146 -2.82 -5.95 -14.94
N THR B 147 -3.93 -6.22 -15.63
CA THR B 147 -3.96 -6.61 -17.04
C THR B 147 -5.19 -5.98 -17.67
N PRO B 148 -5.15 -5.67 -18.97
CA PRO B 148 -6.29 -4.99 -19.60
C PRO B 148 -7.53 -5.86 -19.61
N GLY B 149 -8.69 -5.18 -19.69
CA GLY B 149 -9.97 -5.85 -19.78
C GLY B 149 -10.69 -6.10 -18.48
N HIS B 150 -10.31 -5.42 -17.38
CA HIS B 150 -10.98 -5.63 -16.10
C HIS B 150 -11.42 -4.33 -15.46
N GLY B 151 -11.71 -3.32 -16.26
CA GLY B 151 -12.15 -2.06 -15.73
C GLY B 151 -11.23 -0.91 -16.08
N PRO B 152 -11.69 0.31 -15.86
CA PRO B 152 -10.88 1.49 -16.20
C PRO B 152 -9.77 1.72 -15.19
N VAL B 153 -8.63 2.15 -15.69
CA VAL B 153 -7.52 2.57 -14.82
C VAL B 153 -7.62 4.09 -14.67
N LEU B 154 -7.68 4.55 -13.43
CA LEU B 154 -7.79 5.97 -13.15
C LEU B 154 -6.41 6.61 -13.10
N VAL B 155 -6.31 7.81 -13.65
CA VAL B 155 -5.08 8.60 -13.68
C VAL B 155 -5.46 9.98 -13.17
N THR B 156 -5.18 10.27 -11.90
CA THR B 156 -5.47 11.59 -11.38
C THR B 156 -4.47 12.61 -11.93
N GLY B 157 -4.88 13.88 -11.96
CA GLY B 157 -4.01 14.94 -12.51
C GLY B 157 -3.55 14.64 -13.92
N ALA B 158 -4.43 14.06 -14.74
CA ALA B 158 -4.02 13.42 -15.98
C ALA B 158 -3.41 14.39 -16.99
N ALA B 159 -3.73 15.67 -16.93
CA ALA B 159 -3.21 16.60 -17.92
C ALA B 159 -1.82 17.12 -17.56
N GLY B 160 -1.33 16.83 -16.36
CA GLY B 160 -0.03 17.28 -15.91
C GLY B 160 1.08 16.43 -16.49
N GLY B 161 2.27 16.62 -15.93
CA GLY B 161 3.45 15.86 -16.33
C GLY B 161 3.37 14.35 -16.12
N VAL B 162 3.25 13.90 -14.86
CA VAL B 162 3.14 12.46 -14.62
C VAL B 162 1.92 11.90 -15.33
N GLY B 163 0.78 12.60 -15.23
CA GLY B 163 -0.46 12.05 -15.78
C GLY B 163 -0.42 11.83 -17.29
N SER B 164 0.26 12.72 -18.03
CA SER B 164 0.20 12.65 -19.50
C SER B 164 0.94 11.42 -20.01
N VAL B 165 2.10 11.12 -19.43
CA VAL B 165 2.84 9.91 -19.78
C VAL B 165 2.09 8.68 -19.31
N ALA B 166 1.59 8.70 -18.07
CA ALA B 166 0.79 7.59 -17.55
C ALA B 166 -0.35 7.27 -18.50
N THR B 167 -1.13 8.30 -18.86
CA THR B 167 -2.26 8.12 -19.77
C THR B 167 -1.84 7.43 -21.05
N ALA B 168 -0.71 7.88 -21.63
CA ALA B 168 -0.30 7.42 -22.96
C ALA B 168 0.29 6.03 -22.92
N ILE B 169 1.10 5.73 -21.89
CA ILE B 169 1.61 4.37 -21.72
C ILE B 169 0.46 3.39 -21.52
N LEU B 170 -0.49 3.74 -20.63
CA LEU B 170 -1.60 2.82 -20.34
C LEU B 170 -2.48 2.62 -21.57
N ALA B 171 -2.84 3.71 -22.24
CA ALA B 171 -3.63 3.58 -23.47
C ALA B 171 -2.94 2.69 -24.48
N HIS B 172 -1.61 2.87 -24.64
CA HIS B 172 -0.90 2.08 -25.64
C HIS B 172 -0.80 0.62 -25.25
N LEU B 173 -0.80 0.32 -23.95
CA LEU B 173 -0.75 -1.06 -23.51
C LEU B 173 -2.09 -1.76 -23.63
N GLY B 174 -3.15 -1.02 -23.93
CA GLY B 174 -4.45 -1.59 -24.16
C GLY B 174 -5.45 -1.38 -23.05
N TYR B 175 -5.20 -0.44 -22.15
CA TYR B 175 -6.08 -0.20 -21.01
C TYR B 175 -7.13 0.84 -21.37
N GLU B 176 -8.22 0.80 -20.61
CA GLU B 176 -9.19 1.88 -20.59
C GLU B 176 -8.73 2.86 -19.52
N VAL B 177 -8.52 4.11 -19.91
CA VAL B 177 -7.95 5.12 -19.03
C VAL B 177 -9.01 6.15 -18.70
N ALA B 178 -9.27 6.33 -17.41
CA ALA B 178 -10.14 7.40 -16.91
C ALA B 178 -9.26 8.53 -16.40
N ALA B 179 -9.24 9.63 -17.14
CA ALA B 179 -8.33 10.74 -16.89
C ALA B 179 -9.06 11.83 -16.11
N VAL B 180 -8.54 12.16 -14.92
CA VAL B 180 -9.11 13.19 -14.05
C VAL B 180 -8.51 14.55 -14.37
N THR B 181 -9.35 15.57 -14.41
CA THR B 181 -8.89 16.95 -14.58
C THR B 181 -9.99 17.88 -14.06
N GLY B 182 -9.56 19.00 -13.47
CA GLY B 182 -10.49 20.02 -13.04
C GLY B 182 -10.81 21.04 -14.12
N ARG B 183 -10.28 20.86 -15.32
CA ARG B 183 -10.37 21.83 -16.39
C ARG B 183 -10.89 21.11 -17.63
N PRO B 184 -12.18 21.23 -17.93
CA PRO B 184 -12.77 20.42 -19.01
C PRO B 184 -12.20 20.69 -20.39
N GLU B 185 -11.57 21.85 -20.61
CA GLU B 185 -11.02 22.09 -21.93
C GLU B 185 -9.82 21.20 -22.23
N THR B 186 -9.23 20.58 -21.21
CA THR B 186 -8.15 19.63 -21.44
C THR B 186 -8.64 18.31 -22.01
N ALA B 187 -9.96 18.13 -22.15
CA ALA B 187 -10.51 16.84 -22.57
C ALA B 187 -9.96 16.39 -23.92
N ASP B 188 -9.95 17.29 -24.90
CA ASP B 188 -9.49 16.88 -26.23
C ASP B 188 -8.02 16.49 -26.22
N TYR B 189 -7.20 17.22 -25.47
CA TYR B 189 -5.80 16.83 -25.30
C TYR B 189 -5.68 15.45 -24.67
N LEU B 190 -6.40 15.23 -23.57
CA LEU B 190 -6.37 13.93 -22.89
C LEU B 190 -6.86 12.81 -23.80
N THR B 191 -7.95 13.06 -24.55
CA THR B 191 -8.43 12.05 -25.50
C THR B 191 -7.36 11.72 -26.53
N SER B 192 -6.59 12.74 -26.95
CA SER B 192 -5.54 12.51 -27.94
C SER B 192 -4.33 11.77 -27.38
N LEU B 193 -4.15 11.73 -26.05
CA LEU B 193 -3.13 10.84 -25.52
C LEU B 193 -3.62 9.42 -25.42
N GLY B 194 -4.94 9.24 -25.45
CA GLY B 194 -5.55 7.92 -25.34
C GLY B 194 -6.56 7.77 -24.22
N ALA B 195 -6.86 8.83 -23.45
CA ALA B 195 -7.92 8.74 -22.47
C ALA B 195 -9.21 8.23 -23.11
N THR B 196 -9.86 7.28 -22.44
CA THR B 196 -11.18 6.76 -22.82
C THR B 196 -12.30 7.52 -22.12
N GLN B 197 -12.10 7.88 -20.86
CA GLN B 197 -13.11 8.60 -20.11
C GLN B 197 -12.47 9.79 -19.39
N ILE B 198 -13.25 10.85 -19.26
CA ILE B 198 -12.81 12.08 -18.61
C ILE B 198 -13.61 12.22 -17.33
N VAL B 199 -12.91 12.20 -16.20
CA VAL B 199 -13.51 12.35 -14.89
C VAL B 199 -13.27 13.77 -14.40
N ALA B 200 -14.33 14.43 -13.93
CA ALA B 200 -14.19 15.78 -13.38
C ALA B 200 -13.58 15.72 -11.99
N ARG B 201 -12.60 16.60 -11.75
CA ARG B 201 -11.90 16.59 -10.48
C ARG B 201 -12.85 16.81 -9.31
N ASP B 202 -13.86 17.66 -9.47
CA ASP B 202 -14.75 17.98 -8.36
C ASP B 202 -15.65 16.81 -7.98
N GLU B 203 -15.78 15.77 -8.83
CA GLU B 203 -16.49 14.57 -8.43
C GLU B 203 -15.74 13.79 -7.36
N ILE B 204 -14.45 14.02 -7.18
CA ILE B 204 -13.65 13.00 -6.52
C ILE B 204 -12.55 13.59 -5.64
N ASN B 205 -12.62 14.88 -5.34
CA ASN B 205 -11.54 15.51 -4.59
C ASN B 205 -11.92 15.86 -3.15
N GLU B 206 -13.07 15.39 -2.68
CA GLU B 206 -13.41 15.49 -1.27
C GLU B 206 -13.57 14.08 -0.70
N THR B 207 -13.26 13.93 0.58
CA THR B 207 -13.63 12.71 1.27
C THR B 207 -15.14 12.65 1.46
N VAL B 208 -15.64 11.45 1.74
CA VAL B 208 -17.03 11.27 2.13
C VAL B 208 -17.06 10.44 3.41
N LYS B 209 -18.24 10.44 4.05
CA LYS B 209 -18.40 9.77 5.33
C LYS B 209 -18.33 8.24 5.18
N ARG B 210 -18.88 7.69 4.09
CA ARG B 210 -18.81 6.26 3.87
C ARG B 210 -17.36 5.82 3.66
N PRO B 211 -16.88 4.78 4.35
CA PRO B 211 -15.51 4.32 4.11
C PRO B 211 -15.38 3.48 2.85
N LEU B 212 -16.48 3.05 2.25
CA LEU B 212 -16.46 2.30 1.01
C LEU B 212 -17.54 2.84 0.07
N GLU B 213 -17.21 2.93 -1.20
CA GLU B 213 -18.15 3.24 -2.27
C GLU B 213 -18.16 2.08 -3.25
N SER B 214 -18.94 2.24 -4.32
CA SER B 214 -19.03 1.19 -5.33
C SER B 214 -17.65 0.92 -5.93
N GLU B 215 -17.35 -0.36 -6.16
CA GLU B 215 -16.08 -0.72 -6.77
C GLU B 215 -16.08 -0.32 -8.23
N ILE B 216 -15.07 0.45 -8.64
CA ILE B 216 -15.01 1.03 -9.98
C ILE B 216 -13.65 0.84 -10.65
N TRP B 217 -12.56 1.24 -9.99
CA TRP B 217 -11.23 1.33 -10.63
C TRP B 217 -10.45 0.03 -10.51
N ALA B 218 -9.92 -0.43 -11.65
CA ALA B 218 -9.07 -1.61 -11.69
C ALA B 218 -7.65 -1.31 -11.23
N GLY B 219 -7.32 -0.03 -11.07
CA GLY B 219 -5.99 0.46 -10.78
C GLY B 219 -5.95 1.97 -10.85
N CYS B 220 -4.91 2.57 -10.28
CA CYS B 220 -4.80 4.01 -10.29
C CYS B 220 -3.32 4.43 -10.27
N VAL B 221 -3.02 5.43 -11.09
CA VAL B 221 -1.80 6.21 -11.00
C VAL B 221 -2.21 7.55 -10.39
N ASP B 222 -1.77 7.81 -9.16
CA ASP B 222 -2.22 8.97 -8.39
C ASP B 222 -1.12 10.03 -8.38
N ALA B 223 -1.25 11.04 -9.23
CA ALA B 223 -0.32 12.16 -9.27
C ALA B 223 -0.79 13.33 -8.43
N VAL B 224 -1.82 13.15 -7.58
CA VAL B 224 -2.43 14.24 -6.84
C VAL B 224 -2.24 14.07 -5.33
N GLY B 225 -2.56 12.87 -4.82
CA GLY B 225 -2.49 12.61 -3.40
C GLY B 225 -3.64 13.29 -2.66
N GLY B 226 -3.38 13.66 -1.41
CA GLY B 226 -4.33 14.44 -0.67
C GLY B 226 -5.69 13.79 -0.47
N ALA B 227 -6.71 14.64 -0.36
CA ALA B 227 -8.07 14.16 -0.15
C ALA B 227 -8.51 13.27 -1.29
N MET B 228 -8.09 13.59 -2.51
CA MET B 228 -8.55 12.83 -3.67
C MET B 228 -8.04 11.39 -3.61
N LEU B 229 -6.79 11.19 -3.22
CA LEU B 229 -6.29 9.83 -3.04
C LEU B 229 -7.08 9.09 -1.97
N ALA B 230 -7.39 9.77 -0.87
CA ALA B 230 -8.22 9.15 0.18
C ALA B 230 -9.58 8.72 -0.39
N ARG B 231 -10.23 9.60 -1.15
CA ARG B 231 -11.52 9.27 -1.73
C ARG B 231 -11.39 8.13 -2.75
N VAL B 232 -10.31 8.14 -3.51
CA VAL B 232 -10.11 7.13 -4.56
C VAL B 232 -9.97 5.74 -3.94
N LEU B 233 -9.27 5.64 -2.80
CA LEU B 233 -9.08 4.33 -2.16
C LEU B 233 -10.40 3.59 -1.95
N GLY B 234 -11.46 4.31 -1.61
CA GLY B 234 -12.75 3.71 -1.38
C GLY B 234 -13.54 3.35 -2.63
N GLN B 235 -12.93 3.51 -3.80
CA GLN B 235 -13.60 3.22 -5.06
C GLN B 235 -12.84 2.18 -5.87
N MET B 236 -11.74 1.65 -5.36
CA MET B 236 -10.98 0.62 -6.05
C MET B 236 -11.72 -0.72 -6.00
N LYS B 237 -11.65 -1.46 -7.11
CA LYS B 237 -12.14 -2.82 -7.15
C LYS B 237 -11.36 -3.70 -6.17
N TYR B 238 -11.97 -4.82 -5.78
CA TYR B 238 -11.33 -5.76 -4.86
C TYR B 238 -9.95 -6.15 -5.37
N GLY B 239 -8.96 -6.09 -4.48
CA GLY B 239 -7.61 -6.47 -4.82
C GLY B 239 -6.88 -5.56 -5.77
N ALA B 240 -7.44 -4.40 -6.14
CA ALA B 240 -6.76 -3.47 -7.03
C ALA B 240 -5.77 -2.61 -6.25
N SER B 241 -4.81 -2.00 -6.97
CA SER B 241 -3.76 -1.22 -6.35
C SER B 241 -3.75 0.22 -6.85
N VAL B 242 -3.28 1.12 -6.00
CA VAL B 242 -3.05 2.51 -6.33
C VAL B 242 -1.55 2.80 -6.23
N ALA B 243 -0.97 3.36 -7.28
CA ALA B 243 0.43 3.78 -7.27
C ALA B 243 0.50 5.26 -6.86
N ALA B 244 1.01 5.53 -5.65
CA ALA B 244 1.12 6.90 -5.18
C ALA B 244 2.38 7.54 -5.74
N VAL B 245 2.23 8.67 -6.43
CA VAL B 245 3.40 9.37 -6.95
C VAL B 245 3.40 10.86 -6.66
N GLY B 246 2.29 11.50 -6.29
CA GLY B 246 2.22 12.94 -6.27
C GLY B 246 1.56 13.48 -5.02
N LEU B 247 1.85 14.75 -4.74
CA LEU B 247 1.34 15.42 -3.56
C LEU B 247 0.81 16.82 -3.87
N ALA B 248 0.70 17.18 -5.16
CA ALA B 248 0.18 18.48 -5.53
C ALA B 248 -1.18 18.76 -4.88
N GLY B 249 -1.99 17.73 -4.70
CA GLY B 249 -3.23 17.91 -3.96
C GLY B 249 -3.09 17.97 -2.46
N GLY B 250 -1.86 17.86 -1.94
CA GLY B 250 -1.61 17.96 -0.52
C GLY B 250 -0.97 16.72 0.06
N ALA B 251 -0.12 16.89 1.07
CA ALA B 251 0.59 15.78 1.71
C ALA B 251 -0.31 14.94 2.58
N GLY B 252 -1.30 15.57 3.22
CA GLY B 252 -2.15 14.84 4.15
C GLY B 252 -2.92 13.75 3.43
N LEU B 253 -3.09 12.63 4.13
CA LEU B 253 -3.83 11.48 3.59
C LEU B 253 -4.94 11.15 4.58
N PRO B 254 -6.20 11.83 4.43
CA PRO B 254 -7.32 11.57 5.36
C PRO B 254 -8.09 10.29 4.99
N ALA B 255 -7.40 9.15 5.04
CA ALA B 255 -7.98 7.90 4.60
C ALA B 255 -8.58 7.12 5.77
N THR B 256 -9.16 5.96 5.46
CA THR B 256 -9.51 4.93 6.44
C THR B 256 -8.84 3.63 6.02
N VAL B 257 -8.70 2.70 6.98
CA VAL B 257 -8.14 1.39 6.68
C VAL B 257 -9.14 0.44 6.03
N ILE B 258 -10.40 0.86 5.89
CA ILE B 258 -11.45 -0.09 5.45
C ILE B 258 -11.20 -0.63 4.05
N PRO B 259 -10.84 0.17 3.03
CA PRO B 259 -10.54 -0.43 1.72
C PRO B 259 -9.46 -1.50 1.79
N PHE B 260 -8.39 -1.27 2.55
CA PHE B 260 -7.33 -2.26 2.66
C PHE B 260 -7.83 -3.55 3.31
N LEU B 261 -8.55 -3.43 4.44
CA LEU B 261 -8.98 -4.62 5.16
C LEU B 261 -10.12 -5.34 4.43
N LEU B 262 -11.11 -4.63 3.93
CA LEU B 262 -12.27 -5.34 3.41
C LEU B 262 -12.11 -5.74 1.96
N ARG B 263 -11.32 -4.99 1.18
CA ARG B 263 -11.19 -5.26 -0.24
C ARG B 263 -9.78 -5.62 -0.69
N GLY B 264 -8.84 -5.83 0.24
CA GLY B 264 -7.47 -6.19 -0.13
C GLY B 264 -6.77 -5.20 -1.04
N VAL B 265 -7.06 -3.90 -0.90
CA VAL B 265 -6.44 -2.86 -1.73
C VAL B 265 -5.00 -2.61 -1.31
N ASN B 266 -4.16 -2.19 -2.26
CA ASN B 266 -2.78 -1.80 -2.00
C ASN B 266 -2.51 -0.36 -2.38
N LEU B 267 -1.78 0.35 -1.51
CA LEU B 267 -1.24 1.66 -1.78
C LEU B 267 0.28 1.51 -1.94
N LEU B 268 0.77 1.70 -3.16
CA LEU B 268 2.15 1.40 -3.52
C LEU B 268 2.91 2.71 -3.69
N GLY B 269 3.95 2.89 -2.89
CA GLY B 269 4.74 4.11 -2.93
C GLY B 269 5.74 4.05 -4.07
N ILE B 270 5.72 5.08 -4.92
CA ILE B 270 6.62 5.19 -6.05
C ILE B 270 7.68 6.24 -5.71
N ASP B 271 8.93 5.82 -5.58
CA ASP B 271 10.04 6.76 -5.46
C ASP B 271 10.94 6.64 -6.68
N SER B 272 11.09 7.73 -7.42
CA SER B 272 12.01 7.77 -8.56
C SER B 272 13.43 8.18 -8.16
N VAL B 273 13.59 8.90 -7.06
CA VAL B 273 14.84 9.58 -6.77
C VAL B 273 15.98 8.59 -6.64
N MET B 274 15.75 7.50 -5.89
CA MET B 274 16.78 6.57 -5.46
C MET B 274 16.71 5.22 -6.16
N GLN B 275 16.07 5.16 -7.33
CA GLN B 275 15.92 3.91 -8.03
C GLN B 275 17.30 3.34 -8.38
N PRO B 276 17.55 2.06 -8.10
CA PRO B 276 18.86 1.48 -8.42
C PRO B 276 19.09 1.40 -9.92
N TYR B 277 20.37 1.45 -10.29
CA TYR B 277 20.80 1.48 -11.68
C TYR B 277 20.06 0.45 -12.53
N ALA B 278 20.08 -0.82 -12.11
CA ALA B 278 19.47 -1.87 -12.90
C ALA B 278 17.99 -1.59 -13.17
N ASN B 279 17.24 -1.14 -12.16
CA ASN B 279 15.81 -0.90 -12.41
C ASN B 279 15.61 0.33 -13.29
N ARG B 280 16.50 1.34 -13.20
CA ARG B 280 16.42 2.48 -14.08
C ARG B 280 16.53 2.05 -15.53
N LEU B 281 17.49 1.16 -15.82
CA LEU B 281 17.63 0.67 -17.19
C LEU B 281 16.38 -0.04 -17.66
N ARG B 282 15.80 -0.88 -16.80
CA ARG B 282 14.58 -1.61 -17.16
C ARG B 282 13.42 -0.66 -17.48
N ALA B 283 13.18 0.31 -16.59
CA ALA B 283 12.09 1.25 -16.83
C ALA B 283 12.32 2.07 -18.09
N TRP B 284 13.56 2.49 -18.35
CA TRP B 284 13.83 3.25 -19.57
C TRP B 284 13.61 2.42 -20.82
N GLU B 285 13.97 1.13 -20.76
CA GLU B 285 13.67 0.23 -21.87
C GLU B 285 12.17 0.08 -22.08
N ARG B 286 11.40 0.01 -20.99
CA ARG B 286 9.94 -0.04 -21.12
C ARG B 286 9.39 1.24 -21.74
N ILE B 287 9.94 2.39 -21.34
CA ILE B 287 9.49 3.66 -21.93
C ILE B 287 9.78 3.67 -23.42
N ALA B 288 11.00 3.28 -23.80
CA ALA B 288 11.35 3.18 -25.21
C ALA B 288 10.33 2.33 -25.96
N ARG B 289 9.86 1.25 -25.34
CA ARG B 289 9.00 0.30 -26.03
C ARG B 289 7.51 0.65 -25.93
N ASP B 290 7.05 1.25 -24.83
CA ASP B 290 5.62 1.35 -24.56
C ASP B 290 5.07 2.78 -24.56
N LEU B 291 5.92 3.79 -24.73
CA LEU B 291 5.48 5.17 -24.87
C LEU B 291 5.63 5.58 -26.33
N PRO B 292 4.55 5.70 -27.10
CA PRO B 292 4.70 6.11 -28.50
C PRO B 292 5.26 7.52 -28.60
N MET B 293 6.33 7.65 -29.40
CA MET B 293 7.06 8.91 -29.48
C MET B 293 6.18 10.05 -29.98
N ASP B 294 5.26 9.74 -30.91
CA ASP B 294 4.36 10.78 -31.40
C ASP B 294 3.39 11.23 -30.32
N LYS B 295 3.07 10.33 -29.38
CA LYS B 295 2.27 10.75 -28.23
C LYS B 295 3.08 11.64 -27.30
N LEU B 296 4.34 11.27 -27.04
CA LEU B 296 5.22 12.13 -26.26
C LEU B 296 5.36 13.51 -26.92
N GLU B 297 5.52 13.54 -28.24
CA GLU B 297 5.69 14.81 -28.94
C GLU B 297 4.50 15.73 -28.68
N ALA B 298 3.29 15.17 -28.61
CA ALA B 298 2.10 16.01 -28.39
C ALA B 298 2.07 16.64 -27.00
N MET B 299 2.85 16.13 -26.05
CA MET B 299 2.95 16.72 -24.72
C MET B 299 3.96 17.85 -24.65
N ILE B 300 4.88 17.94 -25.61
CA ILE B 300 6.09 18.72 -25.42
C ILE B 300 5.76 20.21 -25.49
N ARG B 301 6.28 20.97 -24.53
CA ARG B 301 6.22 22.42 -24.54
C ARG B 301 7.64 22.98 -24.46
N PRO B 302 8.16 23.63 -25.50
CA PRO B 302 9.54 24.10 -25.47
C PRO B 302 9.72 25.29 -24.54
N ALA B 303 10.94 25.45 -24.05
CA ALA B 303 11.27 26.54 -23.13
C ALA B 303 12.77 26.74 -23.06
N THR B 304 13.15 27.93 -22.63
CA THR B 304 14.54 28.29 -22.39
C THR B 304 14.76 28.50 -20.89
N LEU B 305 16.03 28.66 -20.50
CA LEU B 305 16.37 28.93 -19.11
C LEU B 305 15.67 30.18 -18.60
N SER B 306 15.58 31.22 -19.45
CA SER B 306 14.89 32.45 -19.07
C SER B 306 13.42 32.20 -18.71
N ASP B 307 12.80 31.16 -19.27
CA ASP B 307 11.41 30.85 -18.96
C ASP B 307 11.23 30.19 -17.61
N LEU B 308 12.30 29.63 -17.05
CA LEU B 308 12.16 28.80 -15.85
C LEU B 308 11.49 29.50 -14.68
N PRO B 309 11.79 30.75 -14.32
CA PRO B 309 11.10 31.35 -13.15
C PRO B 309 9.59 31.41 -13.31
N GLY B 310 9.10 31.67 -14.52
CA GLY B 310 7.67 31.68 -14.76
C GLY B 310 7.06 30.29 -14.79
N LEU B 311 7.74 29.36 -15.45
CA LEU B 311 7.27 27.97 -15.51
C LEU B 311 7.28 27.32 -14.14
N GLY B 312 8.31 27.61 -13.33
CA GLY B 312 8.36 27.06 -11.99
C GLY B 312 7.16 27.47 -11.15
N ALA B 313 6.85 28.78 -11.16
CA ALA B 313 5.66 29.27 -10.48
C ALA B 313 4.38 28.63 -11.03
N ASP B 314 4.27 28.52 -12.37
CA ASP B 314 3.02 28.03 -12.95
C ASP B 314 2.77 26.56 -12.62
N ILE B 315 3.83 25.76 -12.57
CA ILE B 315 3.61 24.33 -12.36
C ILE B 315 3.18 24.07 -10.92
N LEU B 316 3.55 24.95 -9.99
CA LEU B 316 3.11 24.78 -8.60
C LEU B 316 1.64 25.08 -8.43
N LYS B 317 1.05 25.88 -9.32
CA LYS B 317 -0.38 26.18 -9.29
C LYS B 317 -1.16 25.25 -10.21
N GLY B 318 -0.54 24.21 -10.76
CA GLY B 318 -1.23 23.31 -11.65
C GLY B 318 -1.58 23.89 -13.00
N GLN B 319 -0.83 24.89 -13.48
CA GLN B 319 -1.13 25.56 -14.74
C GLN B 319 -0.11 25.22 -15.82
N VAL B 320 0.48 24.03 -15.74
CA VAL B 320 1.37 23.54 -16.78
C VAL B 320 0.83 22.21 -17.27
N GLN B 321 0.54 22.13 -18.56
CA GLN B 321 -0.05 20.95 -19.18
C GLN B 321 1.04 20.22 -19.93
N GLY B 322 1.13 18.91 -19.73
CA GLY B 322 2.14 18.11 -20.41
C GLY B 322 3.54 18.24 -19.85
N ARG B 323 4.53 18.31 -20.75
CA ARG B 323 5.94 18.15 -20.38
C ARG B 323 6.79 19.21 -21.06
N VAL B 324 7.36 20.10 -20.25
CA VAL B 324 8.22 21.19 -20.73
C VAL B 324 9.60 20.63 -21.07
N VAL B 325 10.15 21.07 -22.20
CA VAL B 325 11.50 20.67 -22.61
C VAL B 325 12.34 21.92 -22.67
N VAL B 326 13.40 21.95 -21.87
CA VAL B 326 14.27 23.12 -21.75
C VAL B 326 15.51 22.88 -22.61
N ASP B 327 15.65 23.68 -23.66
CA ASP B 327 16.86 23.66 -24.47
C ASP B 327 17.83 24.63 -23.81
N VAL B 328 18.71 24.10 -22.96
CA VAL B 328 19.66 24.94 -22.23
C VAL B 328 20.69 25.62 -23.12
N ASN B 329 20.81 25.23 -24.40
CA ASN B 329 21.73 25.86 -25.34
C ASN B 329 21.04 26.73 -26.38
N ALA B 330 19.73 26.96 -26.26
CA ALA B 330 18.96 27.68 -27.28
C ALA B 330 19.57 29.04 -27.67
BR BR C . -0.77 -2.40 21.01
BR BR D . -6.97 16.53 -11.06
#